data_2CI2
# 
_entry.id   2CI2 
# 
_audit_conform.dict_name       mmcif_pdbx.dic 
_audit_conform.dict_version    5.387 
_audit_conform.dict_location   http://mmcif.pdb.org/dictionaries/ascii/mmcif_pdbx.dic 
# 
loop_
_database_2.database_id 
_database_2.database_code 
_database_2.pdbx_database_accession 
_database_2.pdbx_DOI 
PDB   2CI2         pdb_00002ci2 10.2210/pdb2ci2/pdb 
WWPDB D_1000177923 ?            ?                   
# 
loop_
_pdbx_audit_revision_history.ordinal 
_pdbx_audit_revision_history.data_content_type 
_pdbx_audit_revision_history.major_revision 
_pdbx_audit_revision_history.minor_revision 
_pdbx_audit_revision_history.revision_date 
1 'Structure model' 1 0 1988-09-07 
2 'Structure model' 1 1 2008-03-10 
3 'Structure model' 1 2 2011-07-13 
4 'Structure model' 1 3 2017-11-29 
5 'Structure model' 1 4 2024-02-14 
# 
_pdbx_audit_revision_details.ordinal             1 
_pdbx_audit_revision_details.revision_ordinal    1 
_pdbx_audit_revision_details.data_content_type   'Structure model' 
_pdbx_audit_revision_details.provider            repository 
_pdbx_audit_revision_details.type                'Initial release' 
_pdbx_audit_revision_details.description         ? 
_pdbx_audit_revision_details.details             ? 
# 
loop_
_pdbx_audit_revision_group.ordinal 
_pdbx_audit_revision_group.revision_ordinal 
_pdbx_audit_revision_group.data_content_type 
_pdbx_audit_revision_group.group 
1 2 'Structure model' 'Version format compliance' 
2 3 'Structure model' 'Version format compliance' 
3 4 'Structure model' 'Derived calculations'      
4 4 'Structure model' Other                       
5 5 'Structure model' 'Data collection'           
6 5 'Structure model' 'Database references'       
# 
loop_
_pdbx_audit_revision_category.ordinal 
_pdbx_audit_revision_category.revision_ordinal 
_pdbx_audit_revision_category.data_content_type 
_pdbx_audit_revision_category.category 
1 4 'Structure model' pdbx_database_status 
2 4 'Structure model' struct_conf          
3 4 'Structure model' struct_conf_type     
4 5 'Structure model' chem_comp_atom       
5 5 'Structure model' chem_comp_bond       
6 5 'Structure model' database_2           
7 5 'Structure model' struct_ref_seq_dif   
# 
loop_
_pdbx_audit_revision_item.ordinal 
_pdbx_audit_revision_item.revision_ordinal 
_pdbx_audit_revision_item.data_content_type 
_pdbx_audit_revision_item.item 
1 4 'Structure model' '_pdbx_database_status.process_site'  
2 5 'Structure model' '_database_2.pdbx_DOI'                
3 5 'Structure model' '_database_2.pdbx_database_accession' 
4 5 'Structure model' '_struct_ref_seq_dif.details'         
# 
_pdbx_database_PDB_obs_spr.id               SPRSDE 
_pdbx_database_PDB_obs_spr.pdb_id           2CI2 
_pdbx_database_PDB_obs_spr.replace_pdb_id   1CI2 
_pdbx_database_PDB_obs_spr.date             1988-09-07 
_pdbx_database_PDB_obs_spr.details          ? 
# 
_pdbx_database_status.status_code                     REL 
_pdbx_database_status.entry_id                        2CI2 
_pdbx_database_status.recvd_initial_deposition_date   1988-09-05 
_pdbx_database_status.deposit_site                    ? 
_pdbx_database_status.process_site                    BNL 
_pdbx_database_status.SG_entry                        . 
_pdbx_database_status.pdb_format_compatible           Y 
_pdbx_database_status.status_code_mr                  ? 
_pdbx_database_status.status_code_sf                  ? 
_pdbx_database_status.status_code_cs                  ? 
_pdbx_database_status.methods_development_category    ? 
_pdbx_database_status.status_code_nmr_data            ? 
# 
loop_
_audit_author.name 
_audit_author.pdbx_ordinal 
'Mcphalen, C.A.' 1 
'James, M.N.G.'  2 
# 
loop_
_citation.id 
_citation.title 
_citation.journal_abbrev 
_citation.journal_volume 
_citation.page_first 
_citation.page_last 
_citation.year 
_citation.journal_id_ASTM 
_citation.country 
_citation.journal_id_ISSN 
_citation.journal_id_CSD 
_citation.book_publisher 
_citation.pdbx_database_id_PubMed 
_citation.pdbx_database_id_DOI 
primary 'Crystal and molecular structure of the serine proteinase inhibitor CI-2 from barley seeds.'                    
Biochemistry           26  261  269 1987 BICHAW US 0006-2960 0033 ? 3828302 10.1021/bi00375a036 
1       'Comparison of the Solution and X-Ray Structures of Barley Serine Proteinase Inhibitor 2'                       
'Protein Eng.'         1   313  ?   1987 PRENE9 UK 0269-2139 0859 ? ?       ?                   
2       'Crystal and Molecular Structure of Chymotrypsin Inhibitor 2 from Barley Seeds in Complex with Subtilisin Novo' 
Proc.Natl.Acad.Sci.USA 82  7242 ?   1985 PNASA6 US 0027-8424 0040 ? ?       ?                   
3       'Preliminary Crystallographic Data for the Serine Protease Inhibitor Ci-2 from Barley Seeds'                    
J.Mol.Biol.            168 445  ?   1983 JMOBAK UK 0022-2836 0070 ? ?       ?                   
# 
loop_
_citation_author.citation_id 
_citation_author.name 
_citation_author.ordinal 
_citation_author.identifier_ORCID 
primary 'McPhalen, C.A.'   1  ? 
primary 'James, M.N.'      2  ? 
1       'Clore, G.M.'      3  ? 
1       'Gronenborn, A.M.' 4  ? 
1       'James, M.N.G.'    5  ? 
1       'Kjaer, M.'        6  ? 
1       'Mcphalen, C.A.'   7  ? 
1       'Poulsen, F.M.'    8  ? 
2       'Mcphalen, C.A.'   9  ? 
2       'Svendsen, I.'     10 ? 
2       'Jonassen, I.'     11 ? 
2       'James, M.N.G.'    12 ? 
3       'Mcphalen, C.A.'   13 ? 
3       'Evans, C.'        14 ? 
3       'Hayakawa, K.'     15 ? 
3       'Jonassen, I.'     16 ? 
3       'Svendsen, I.'     17 ? 
3       'James, M.N.G.'    18 ? 
# 
loop_
_entity.id 
_entity.type 
_entity.src_method 
_entity.pdbx_description 
_entity.formula_weight 
_entity.pdbx_number_of_molecules 
_entity.pdbx_ec 
_entity.pdbx_mutation 
_entity.pdbx_fragment 
_entity.details 
1 polymer man 'CHYMOTRYPSIN INHIBITOR 2' 9264.659 1  ? ? ? ? 
2 water   nat water                      18.015   64 ? ? ? ? 
# 
_entity_poly.entity_id                      1 
_entity_poly.type                           'polypeptide(L)' 
_entity_poly.nstd_linkage                   no 
_entity_poly.nstd_monomer                   no 
_entity_poly.pdbx_seq_one_letter_code       
;SSVEKKPEGVNTGAGDRHNLKTEWPELVGKSVEEAKKVILQDKPEAQIIVLPVGTIVTMEYRIDRVRLFVDKLDNIAEVP
RVG
;
_entity_poly.pdbx_seq_one_letter_code_can   
;SSVEKKPEGVNTGAGDRHNLKTEWPELVGKSVEEAKKVILQDKPEAQIIVLPVGTIVTMEYRIDRVRLFVDKLDNIAEVP
RVG
;
_entity_poly.pdbx_strand_id                 I 
_entity_poly.pdbx_target_identifier         ? 
# 
_pdbx_entity_nonpoly.entity_id   2 
_pdbx_entity_nonpoly.name        water 
_pdbx_entity_nonpoly.comp_id     HOH 
# 
loop_
_entity_poly_seq.entity_id 
_entity_poly_seq.num 
_entity_poly_seq.mon_id 
_entity_poly_seq.hetero 
1 1  SER n 
1 2  SER n 
1 3  VAL n 
1 4  GLU n 
1 5  LYS n 
1 6  LYS n 
1 7  PRO n 
1 8  GLU n 
1 9  GLY n 
1 10 VAL n 
1 11 ASN n 
1 12 THR n 
1 13 GLY n 
1 14 ALA n 
1 15 GLY n 
1 16 ASP n 
1 17 ARG n 
1 18 HIS n 
1 19 ASN n 
1 20 LEU n 
1 21 LYS n 
1 22 THR n 
1 23 GLU n 
1 24 TRP n 
1 25 PRO n 
1 26 GLU n 
1 27 LEU n 
1 28 VAL n 
1 29 GLY n 
1 30 LYS n 
1 31 SER n 
1 32 VAL n 
1 33 GLU n 
1 34 GLU n 
1 35 ALA n 
1 36 LYS n 
1 37 LYS n 
1 38 VAL n 
1 39 ILE n 
1 40 LEU n 
1 41 GLN n 
1 42 ASP n 
1 43 LYS n 
1 44 PRO n 
1 45 GLU n 
1 46 ALA n 
1 47 GLN n 
1 48 ILE n 
1 49 ILE n 
1 50 VAL n 
1 51 LEU n 
1 52 PRO n 
1 53 VAL n 
1 54 GLY n 
1 55 THR n 
1 56 ILE n 
1 57 VAL n 
1 58 THR n 
1 59 MET n 
1 60 GLU n 
1 61 TYR n 
1 62 ARG n 
1 63 ILE n 
1 64 ASP n 
1 65 ARG n 
1 66 VAL n 
1 67 ARG n 
1 68 LEU n 
1 69 PHE n 
1 70 VAL n 
1 71 ASP n 
1 72 LYS n 
1 73 LEU n 
1 74 ASP n 
1 75 ASN n 
1 76 ILE n 
1 77 ALA n 
1 78 GLU n 
1 79 VAL n 
1 80 PRO n 
1 81 ARG n 
1 82 VAL n 
1 83 GLY n 
# 
_entity_src_gen.entity_id                          1 
_entity_src_gen.pdbx_src_id                        1 
_entity_src_gen.pdbx_alt_source_flag               sample 
_entity_src_gen.pdbx_seq_type                      ? 
_entity_src_gen.pdbx_beg_seq_num                   ? 
_entity_src_gen.pdbx_end_seq_num                   ? 
_entity_src_gen.gene_src_common_name               ? 
_entity_src_gen.gene_src_genus                     Hordeum 
_entity_src_gen.pdbx_gene_src_gene                 ? 
_entity_src_gen.gene_src_species                   ? 
_entity_src_gen.gene_src_strain                    ? 
_entity_src_gen.gene_src_tissue                    ? 
_entity_src_gen.gene_src_tissue_fraction           ? 
_entity_src_gen.gene_src_details                   ? 
_entity_src_gen.pdbx_gene_src_fragment             ? 
_entity_src_gen.pdbx_gene_src_scientific_name      'Hordeum vulgare' 
_entity_src_gen.pdbx_gene_src_ncbi_taxonomy_id     4513 
_entity_src_gen.pdbx_gene_src_variant              ? 
_entity_src_gen.pdbx_gene_src_cell_line            ? 
_entity_src_gen.pdbx_gene_src_atcc                 ? 
_entity_src_gen.pdbx_gene_src_organ                ? 
_entity_src_gen.pdbx_gene_src_organelle            ? 
_entity_src_gen.pdbx_gene_src_cell                 ? 
_entity_src_gen.pdbx_gene_src_cellular_location    ? 
_entity_src_gen.host_org_common_name               ? 
_entity_src_gen.pdbx_host_org_scientific_name      ? 
_entity_src_gen.pdbx_host_org_ncbi_taxonomy_id     ? 
_entity_src_gen.host_org_genus                     ? 
_entity_src_gen.pdbx_host_org_gene                 ? 
_entity_src_gen.pdbx_host_org_organ                ? 
_entity_src_gen.host_org_species                   ? 
_entity_src_gen.pdbx_host_org_tissue               ? 
_entity_src_gen.pdbx_host_org_tissue_fraction      ? 
_entity_src_gen.pdbx_host_org_strain               ? 
_entity_src_gen.pdbx_host_org_variant              ? 
_entity_src_gen.pdbx_host_org_cell_line            ? 
_entity_src_gen.pdbx_host_org_atcc                 ? 
_entity_src_gen.pdbx_host_org_culture_collection   ? 
_entity_src_gen.pdbx_host_org_cell                 ? 
_entity_src_gen.pdbx_host_org_organelle            ? 
_entity_src_gen.pdbx_host_org_cellular_location    ? 
_entity_src_gen.pdbx_host_org_vector_type          ? 
_entity_src_gen.pdbx_host_org_vector               ? 
_entity_src_gen.host_org_details                   ? 
_entity_src_gen.expression_system_id               ? 
_entity_src_gen.plasmid_name                       ? 
_entity_src_gen.plasmid_details                    ? 
_entity_src_gen.pdbx_description                   ? 
# 
loop_
_chem_comp.id 
_chem_comp.type 
_chem_comp.mon_nstd_flag 
_chem_comp.name 
_chem_comp.pdbx_synonyms 
_chem_comp.formula 
_chem_comp.formula_weight 
ALA 'L-peptide linking' y ALANINE         ? 'C3 H7 N O2'     89.093  
ARG 'L-peptide linking' y ARGININE        ? 'C6 H15 N4 O2 1' 175.209 
ASN 'L-peptide linking' y ASPARAGINE      ? 'C4 H8 N2 O3'    132.118 
ASP 'L-peptide linking' y 'ASPARTIC ACID' ? 'C4 H7 N O4'     133.103 
GLN 'L-peptide linking' y GLUTAMINE       ? 'C5 H10 N2 O3'   146.144 
GLU 'L-peptide linking' y 'GLUTAMIC ACID' ? 'C5 H9 N O4'     147.129 
GLY 'peptide linking'   y GLYCINE         ? 'C2 H5 N O2'     75.067  
HIS 'L-peptide linking' y HISTIDINE       ? 'C6 H10 N3 O2 1' 156.162 
HOH non-polymer         . WATER           ? 'H2 O'           18.015  
ILE 'L-peptide linking' y ISOLEUCINE      ? 'C6 H13 N O2'    131.173 
LEU 'L-peptide linking' y LEUCINE         ? 'C6 H13 N O2'    131.173 
LYS 'L-peptide linking' y LYSINE          ? 'C6 H15 N2 O2 1' 147.195 
MET 'L-peptide linking' y METHIONINE      ? 'C5 H11 N O2 S'  149.211 
PHE 'L-peptide linking' y PHENYLALANINE   ? 'C9 H11 N O2'    165.189 
PRO 'L-peptide linking' y PROLINE         ? 'C5 H9 N O2'     115.130 
SER 'L-peptide linking' y SERINE          ? 'C3 H7 N O3'     105.093 
THR 'L-peptide linking' y THREONINE       ? 'C4 H9 N O3'     119.119 
TRP 'L-peptide linking' y TRYPTOPHAN      ? 'C11 H12 N2 O2'  204.225 
TYR 'L-peptide linking' y TYROSINE        ? 'C9 H11 N O3'    181.189 
VAL 'L-peptide linking' y VALINE          ? 'C5 H11 N O2'    117.146 
# 
loop_
_pdbx_poly_seq_scheme.asym_id 
_pdbx_poly_seq_scheme.entity_id 
_pdbx_poly_seq_scheme.seq_id 
_pdbx_poly_seq_scheme.mon_id 
_pdbx_poly_seq_scheme.ndb_seq_num 
_pdbx_poly_seq_scheme.pdb_seq_num 
_pdbx_poly_seq_scheme.auth_seq_num 
_pdbx_poly_seq_scheme.pdb_mon_id 
_pdbx_poly_seq_scheme.auth_mon_id 
_pdbx_poly_seq_scheme.pdb_strand_id 
_pdbx_poly_seq_scheme.pdb_ins_code 
_pdbx_poly_seq_scheme.hetero 
A 1 1  SER 1  1  ?  ?   ?   I . n 
A 1 2  SER 2  2  ?  ?   ?   I . n 
A 1 3  VAL 3  3  ?  ?   ?   I . n 
A 1 4  GLU 4  4  ?  ?   ?   I . n 
A 1 5  LYS 5  5  ?  ?   ?   I . n 
A 1 6  LYS 6  6  ?  ?   ?   I . n 
A 1 7  PRO 7  7  ?  ?   ?   I . n 
A 1 8  GLU 8  8  ?  ?   ?   I . n 
A 1 9  GLY 9  9  ?  ?   ?   I . n 
A 1 10 VAL 10 10 ?  ?   ?   I . n 
A 1 11 ASN 11 11 ?  ?   ?   I . n 
A 1 12 THR 12 12 ?  ?   ?   I . n 
A 1 13 GLY 13 13 ?  ?   ?   I . n 
A 1 14 ALA 14 14 ?  ?   ?   I . n 
A 1 15 GLY 15 15 ?  ?   ?   I . n 
A 1 16 ASP 16 16 ?  ?   ?   I . n 
A 1 17 ARG 17 17 ?  ?   ?   I . n 
A 1 18 HIS 18 18 ?  ?   ?   I . n 
A 1 19 ASN 19 19 19 ASN ASN I . n 
A 1 20 LEU 20 20 20 LEU LEU I . n 
A 1 21 LYS 21 21 21 LYS LYS I . n 
A 1 22 THR 22 22 22 THR THR I . n 
A 1 23 GLU 23 23 23 GLU GLU I . n 
A 1 24 TRP 24 24 24 TRP TRP I . n 
A 1 25 PRO 25 25 25 PRO PRO I . n 
A 1 26 GLU 26 26 26 GLU GLU I . n 
A 1 27 LEU 27 27 27 LEU LEU I . n 
A 1 28 VAL 28 28 28 VAL VAL I . n 
A 1 29 GLY 29 29 29 GLY GLY I . n 
A 1 30 LYS 30 30 30 LYS LYS I . n 
A 1 31 SER 31 31 31 SER SER I . n 
A 1 32 VAL 32 32 32 VAL VAL I . n 
A 1 33 GLU 33 33 33 GLU GLU I . n 
A 1 34 GLU 34 34 34 GLU GLU I . n 
A 1 35 ALA 35 35 35 ALA ALA I . n 
A 1 36 LYS 36 36 36 LYS LYS I . n 
A 1 37 LYS 37 37 37 LYS LYS I . n 
A 1 38 VAL 38 38 38 VAL VAL I . n 
A 1 39 ILE 39 39 39 ILE ILE I . n 
A 1 40 LEU 40 40 40 LEU LEU I . n 
A 1 41 GLN 41 41 41 GLN GLN I . n 
A 1 42 ASP 42 42 42 ASP ASP I . n 
A 1 43 LYS 43 43 43 LYS LYS I . n 
A 1 44 PRO 44 44 44 PRO PRO I . n 
A 1 45 GLU 45 45 45 GLU GLU I . n 
A 1 46 ALA 46 46 46 ALA ALA I . n 
A 1 47 GLN 47 47 47 GLN GLN I . n 
A 1 48 ILE 48 48 48 ILE ILE I . n 
A 1 49 ILE 49 49 49 ILE ILE I . n 
A 1 50 VAL 50 50 50 VAL VAL I . n 
A 1 51 LEU 51 51 51 LEU LEU I . n 
A 1 52 PRO 52 52 52 PRO PRO I . n 
A 1 53 VAL 53 53 53 VAL VAL I . n 
A 1 54 GLY 54 54 54 GLY GLY I . n 
A 1 55 THR 55 55 55 THR THR I . n 
A 1 56 ILE 56 56 56 ILE ILE I . n 
A 1 57 VAL 57 57 57 VAL VAL I . n 
A 1 58 THR 58 58 58 THR THR I . n 
A 1 59 MET 59 59 59 MET MET I . n 
A 1 60 GLU 60 60 60 GLU GLU I . n 
A 1 61 TYR 61 61 61 TYR TYR I . n 
A 1 62 ARG 62 62 62 ARG ARG I . n 
A 1 63 ILE 63 63 63 ILE ILE I . n 
A 1 64 ASP 64 64 64 ASP ASP I . n 
A 1 65 ARG 65 65 65 ARG ARG I . n 
A 1 66 VAL 66 66 66 VAL VAL I . n 
A 1 67 ARG 67 67 67 ARG ARG I . n 
A 1 68 LEU 68 68 68 LEU LEU I . n 
A 1 69 PHE 69 69 69 PHE PHE I . n 
A 1 70 VAL 70 70 70 VAL VAL I . n 
A 1 71 ASP 71 71 71 ASP ASP I . n 
A 1 72 LYS 72 72 72 LYS LYS I . n 
A 1 73 LEU 73 73 73 LEU LEU I . n 
A 1 74 ASP 74 74 74 ASP ASP I . n 
A 1 75 ASN 75 75 75 ASN ASN I . n 
A 1 76 ILE 76 76 76 ILE ILE I . n 
A 1 77 ALA 77 77 77 ALA ALA I . n 
A 1 78 GLU 78 78 78 GLU GLU I . n 
A 1 79 VAL 79 79 79 VAL VAL I . n 
A 1 80 PRO 80 80 80 PRO PRO I . n 
A 1 81 ARG 81 81 81 ARG ARG I . n 
A 1 82 VAL 82 82 82 VAL VAL I . n 
A 1 83 GLY 83 83 83 GLY GLY I . n 
# 
loop_
_pdbx_nonpoly_scheme.asym_id 
_pdbx_nonpoly_scheme.entity_id 
_pdbx_nonpoly_scheme.mon_id 
_pdbx_nonpoly_scheme.ndb_seq_num 
_pdbx_nonpoly_scheme.pdb_seq_num 
_pdbx_nonpoly_scheme.auth_seq_num 
_pdbx_nonpoly_scheme.pdb_mon_id 
_pdbx_nonpoly_scheme.auth_mon_id 
_pdbx_nonpoly_scheme.pdb_strand_id 
_pdbx_nonpoly_scheme.pdb_ins_code 
B 2 HOH 1  84  84  HOH HOH I . 
B 2 HOH 2  85  85  HOH HOH I . 
B 2 HOH 3  86  86  HOH HOH I . 
B 2 HOH 4  87  87  HOH HOH I . 
B 2 HOH 5  88  88  HOH HOH I . 
B 2 HOH 6  89  89  HOH HOH I . 
B 2 HOH 7  90  90  HOH HOH I . 
B 2 HOH 8  91  91  HOH HOH I . 
B 2 HOH 9  92  92  HOH HOH I . 
B 2 HOH 10 93  93  HOH HOH I . 
B 2 HOH 11 94  94  HOH HOH I . 
B 2 HOH 12 95  95  HOH HOH I . 
B 2 HOH 13 96  96  HOH HOH I . 
B 2 HOH 14 97  97  HOH HOH I . 
B 2 HOH 15 98  98  HOH HOH I . 
B 2 HOH 16 99  99  HOH HOH I . 
B 2 HOH 17 100 100 HOH HOH I . 
B 2 HOH 18 101 101 HOH HOH I . 
B 2 HOH 19 102 102 HOH HOH I . 
B 2 HOH 20 103 103 HOH HOH I . 
B 2 HOH 21 104 104 HOH HOH I . 
B 2 HOH 22 105 105 HOH HOH I . 
B 2 HOH 23 106 106 HOH HOH I . 
B 2 HOH 24 107 107 HOH HOH I . 
B 2 HOH 25 108 108 HOH HOH I . 
B 2 HOH 26 109 109 HOH HOH I . 
B 2 HOH 27 110 110 HOH HOH I . 
B 2 HOH 28 111 111 HOH HOH I . 
B 2 HOH 29 112 112 HOH HOH I . 
B 2 HOH 30 113 113 HOH HOH I . 
B 2 HOH 31 114 114 HOH HOH I . 
B 2 HOH 32 115 115 HOH HOH I . 
B 2 HOH 33 116 116 HOH HOH I . 
B 2 HOH 34 117 117 HOH HOH I . 
B 2 HOH 35 118 118 HOH HOH I . 
B 2 HOH 36 119 119 HOH HOH I . 
B 2 HOH 37 120 120 HOH HOH I . 
B 2 HOH 38 121 121 HOH HOH I . 
B 2 HOH 39 122 122 HOH HOH I . 
B 2 HOH 40 123 123 HOH HOH I . 
B 2 HOH 41 124 124 HOH HOH I . 
B 2 HOH 42 125 125 HOH HOH I . 
B 2 HOH 43 126 126 HOH HOH I . 
B 2 HOH 44 127 127 HOH HOH I . 
B 2 HOH 45 128 128 HOH HOH I . 
B 2 HOH 46 129 129 HOH HOH I . 
B 2 HOH 47 130 130 HOH HOH I . 
B 2 HOH 48 131 131 HOH HOH I . 
B 2 HOH 49 132 132 HOH HOH I . 
B 2 HOH 50 133 133 HOH HOH I . 
B 2 HOH 51 134 134 HOH HOH I . 
B 2 HOH 52 135 135 HOH HOH I . 
B 2 HOH 53 136 136 HOH HOH I . 
B 2 HOH 54 137 137 HOH HOH I . 
B 2 HOH 55 138 138 HOH HOH I . 
B 2 HOH 56 139 139 HOH HOH I . 
B 2 HOH 57 140 140 HOH HOH I . 
B 2 HOH 58 141 141 HOH HOH I . 
B 2 HOH 59 142 142 HOH HOH I . 
B 2 HOH 60 143 143 HOH HOH I . 
B 2 HOH 61 144 144 HOH HOH I . 
B 2 HOH 62 145 145 HOH HOH I . 
B 2 HOH 63 146 146 HOH HOH I . 
B 2 HOH 64 147 147 HOH HOH I . 
# 
_software.name             PROLSQ 
_software.classification   refinement 
_software.version          . 
_software.citation_id      ? 
_software.pdbx_ordinal     1 
# 
_cell.entry_id           2CI2 
_cell.length_a           69.015 
_cell.length_b           69.015 
_cell.length_c           52.890 
_cell.angle_alpha        90.00 
_cell.angle_beta         90.00 
_cell.angle_gamma        120.00 
_cell.Z_PDB              12 
_cell.pdbx_unique_axis   ? 
# 
_symmetry.entry_id                         2CI2 
_symmetry.space_group_name_H-M             'P 6 2 2' 
_symmetry.pdbx_full_space_group_name_H-M   ? 
_symmetry.cell_setting                     ? 
_symmetry.Int_Tables_number                177 
# 
_exptl.entry_id          2CI2 
_exptl.method            'X-RAY DIFFRACTION' 
_exptl.crystals_number   ? 
# 
_exptl_crystal.id                    1 
_exptl_crystal.density_meas          ? 
_exptl_crystal.density_Matthews      1.96 
_exptl_crystal.density_percent_sol   37.29 
_exptl_crystal.description           ? 
# 
_refine.entry_id                                 2CI2 
_refine.ls_number_reflns_obs                     ? 
_refine.ls_number_reflns_all                     ? 
_refine.pdbx_ls_sigma_I                          0.0 
_refine.pdbx_ls_sigma_F                          ? 
_refine.pdbx_data_cutoff_high_absF               ? 
_refine.pdbx_data_cutoff_low_absF                ? 
_refine.pdbx_data_cutoff_high_rms_absF           ? 
_refine.ls_d_res_low                             8.0 
_refine.ls_d_res_high                            2.0 
_refine.ls_percent_reflns_obs                    ? 
_refine.ls_R_factor_obs                          0.1980000 
_refine.ls_R_factor_all                          ? 
_refine.ls_R_factor_R_work                       ? 
_refine.ls_R_factor_R_free                       ? 
_refine.ls_R_factor_R_free_error                 ? 
_refine.ls_R_factor_R_free_error_details         ? 
_refine.ls_percent_reflns_R_free                 ? 
_refine.ls_number_reflns_R_free                  ? 
_refine.ls_number_parameters                     ? 
_refine.ls_number_restraints                     ? 
_refine.occupancy_min                            ? 
_refine.occupancy_max                            ? 
_refine.B_iso_mean                               ? 
_refine.aniso_B[1][1]                            ? 
_refine.aniso_B[2][2]                            ? 
_refine.aniso_B[3][3]                            ? 
_refine.aniso_B[1][2]                            ? 
_refine.aniso_B[1][3]                            ? 
_refine.aniso_B[2][3]                            ? 
_refine.solvent_model_details                    ? 
_refine.solvent_model_param_ksol                 ? 
_refine.solvent_model_param_bsol                 ? 
_refine.pdbx_ls_cross_valid_method               ? 
_refine.details                                  ? 
_refine.pdbx_starting_model                      ? 
_refine.pdbx_method_to_determine_struct          ? 
_refine.pdbx_isotropic_thermal_model             ? 
_refine.pdbx_stereochemistry_target_values       ? 
_refine.pdbx_stereochem_target_val_spec_case     ? 
_refine.pdbx_R_Free_selection_details            ? 
_refine.pdbx_overall_ESU_R                       ? 
_refine.pdbx_overall_ESU_R_Free                  ? 
_refine.overall_SU_ML                            ? 
_refine.overall_SU_B                             ? 
_refine.pdbx_refine_id                           'X-RAY DIFFRACTION' 
_refine.pdbx_diffrn_id                           1 
_refine.pdbx_TLS_residual_ADP_flag               ? 
_refine.correlation_coeff_Fo_to_Fc               ? 
_refine.correlation_coeff_Fo_to_Fc_free          ? 
_refine.pdbx_solvent_vdw_probe_radii             ? 
_refine.pdbx_solvent_ion_probe_radii             ? 
_refine.pdbx_solvent_shrinkage_radii             ? 
_refine.pdbx_overall_phase_error                 ? 
_refine.overall_SU_R_Cruickshank_DPI             ? 
_refine.pdbx_overall_SU_R_free_Cruickshank_DPI   ? 
_refine.pdbx_overall_SU_R_Blow_DPI               ? 
_refine.pdbx_overall_SU_R_free_Blow_DPI          ? 
# 
_refine_hist.pdbx_refine_id                   'X-RAY DIFFRACTION' 
_refine_hist.cycle_id                         LAST 
_refine_hist.pdbx_number_atoms_protein        521 
_refine_hist.pdbx_number_atoms_nucleic_acid   0 
_refine_hist.pdbx_number_atoms_ligand         0 
_refine_hist.number_atoms_solvent             64 
_refine_hist.number_atoms_total               585 
_refine_hist.d_res_high                       2.0 
_refine_hist.d_res_low                        8.0 
# 
loop_
_refine_ls_restr.type 
_refine_ls_restr.dev_ideal 
_refine_ls_restr.dev_ideal_target 
_refine_ls_restr.weight 
_refine_ls_restr.number 
_refine_ls_restr.pdbx_refine_id 
_refine_ls_restr.pdbx_restraint_function 
p_bond_d            0.007 0.008 ? ? 'X-RAY DIFFRACTION' ? 
p_angle_d           0.029 0.016 ? ? 'X-RAY DIFFRACTION' ? 
p_angle_deg         ?     ?     ? ? 'X-RAY DIFFRACTION' ? 
p_planar_d          0.021 0.016 ? ? 'X-RAY DIFFRACTION' ? 
p_hb_or_metal_coord ?     ?     ? ? 'X-RAY DIFFRACTION' ? 
p_mcbond_it         1.956 2.000 ? ? 'X-RAY DIFFRACTION' ? 
p_mcangle_it        2.909 2.000 ? ? 'X-RAY DIFFRACTION' ? 
p_scbond_it         3.611 3.000 ? ? 'X-RAY DIFFRACTION' ? 
p_scangle_it        5.285 3.000 ? ? 'X-RAY DIFFRACTION' ? 
p_plane_restr       0.014 0.012 ? ? 'X-RAY DIFFRACTION' ? 
p_chiral_restr      0.123 0.080 ? ? 'X-RAY DIFFRACTION' ? 
p_singtor_nbd       0.297 0.400 ? ? 'X-RAY DIFFRACTION' ? 
p_multtor_nbd       0.276 0.400 ? ? 'X-RAY DIFFRACTION' ? 
p_xhyhbond_nbd      0.240 0.400 ? ? 'X-RAY DIFFRACTION' ? 
p_xyhbond_nbd       ?     ?     ? ? 'X-RAY DIFFRACTION' ? 
p_planar_tor        3.0   2.8   ? ? 'X-RAY DIFFRACTION' ? 
p_staggered_tor     ?     ?     ? ? 'X-RAY DIFFRACTION' ? 
p_orthonormal_tor   ?     ?     ? ? 'X-RAY DIFFRACTION' ? 
p_transverse_tor    ?     ?     ? ? 'X-RAY DIFFRACTION' ? 
p_special_tor       ?     ?     ? ? 'X-RAY DIFFRACTION' ? 
# 
_struct.entry_id                  2CI2 
_struct.title                     'CRYSTAL AND MOLECULAR STRUCTURE OF THE SERINE PROTEINASE INHIBITOR CI-2 FROM BARLEY SEEDS' 
_struct.pdbx_model_details        ? 
_struct.pdbx_CASP_flag            ? 
_struct.pdbx_model_type_details   ? 
# 
_struct_keywords.entry_id        2CI2 
_struct_keywords.pdbx_keywords   'PROTEINASE INHIBITOR (CHYMOTRYPSIN)' 
_struct_keywords.text            'PROTEINASE INHIBITOR (CHYMOTRYPSIN)' 
# 
loop_
_struct_asym.id 
_struct_asym.pdbx_blank_PDB_chainid_flag 
_struct_asym.pdbx_modified 
_struct_asym.entity_id 
_struct_asym.details 
A N N 1 ? 
B N N 2 ? 
# 
_struct_ref.id                         1 
_struct_ref.db_name                    UNP 
_struct_ref.db_code                    ICI2_HORVU 
_struct_ref.pdbx_db_accession          P01053 
_struct_ref.entity_id                  1 
_struct_ref.pdbx_align_begin           5 
_struct_ref.pdbx_db_isoform            ? 
_struct_ref.pdbx_seq_one_letter_code   ? 
# 
_struct_ref_seq.align_id                      1 
_struct_ref_seq.ref_id                        1 
_struct_ref_seq.pdbx_PDB_id_code              2CI2 
_struct_ref_seq.pdbx_strand_id                I 
_struct_ref_seq.seq_align_beg                 1 
_struct_ref_seq.pdbx_seq_align_beg_ins_code   ? 
_struct_ref_seq.seq_align_end                 83 
_struct_ref_seq.pdbx_seq_align_end_ins_code   ? 
_struct_ref_seq.pdbx_db_accession             P01053 
_struct_ref_seq.db_align_beg                  5 
_struct_ref_seq.pdbx_db_align_beg_ins_code    ? 
_struct_ref_seq.db_align_end                  83 
_struct_ref_seq.pdbx_db_align_end_ins_code    ? 
_struct_ref_seq.pdbx_auth_seq_align_beg       1 
_struct_ref_seq.pdbx_auth_seq_align_end       83 
# 
_struct_ref_seq_dif.align_id                     1 
_struct_ref_seq_dif.pdbx_pdb_id_code             2CI2 
_struct_ref_seq_dif.mon_id                       GLU 
_struct_ref_seq_dif.pdbx_pdb_strand_id           I 
_struct_ref_seq_dif.seq_num                      78 
_struct_ref_seq_dif.pdbx_pdb_ins_code            ? 
_struct_ref_seq_dif.pdbx_seq_db_name             UNP 
_struct_ref_seq_dif.pdbx_seq_db_accession_code   P01053 
_struct_ref_seq_dif.db_mon_id                    GLN 
_struct_ref_seq_dif.pdbx_seq_db_seq_num          78 
_struct_ref_seq_dif.details                      conflict 
_struct_ref_seq_dif.pdbx_auth_seq_num            78 
_struct_ref_seq_dif.pdbx_ordinal                 1 
# 
_pdbx_struct_assembly.id                   1 
_pdbx_struct_assembly.details              author_defined_assembly 
_pdbx_struct_assembly.method_details       ? 
_pdbx_struct_assembly.oligomeric_details   hexameric 
_pdbx_struct_assembly.oligomeric_count     6 
# 
_pdbx_struct_assembly_gen.assembly_id       1 
_pdbx_struct_assembly_gen.oper_expression   1,2,3,4,5,6 
_pdbx_struct_assembly_gen.asym_id_list      A,B 
# 
loop_
_pdbx_struct_oper_list.id 
_pdbx_struct_oper_list.type 
_pdbx_struct_oper_list.name 
_pdbx_struct_oper_list.symmetry_operation 
_pdbx_struct_oper_list.matrix[1][1] 
_pdbx_struct_oper_list.matrix[1][2] 
_pdbx_struct_oper_list.matrix[1][3] 
_pdbx_struct_oper_list.vector[1] 
_pdbx_struct_oper_list.matrix[2][1] 
_pdbx_struct_oper_list.matrix[2][2] 
_pdbx_struct_oper_list.matrix[2][3] 
_pdbx_struct_oper_list.vector[2] 
_pdbx_struct_oper_list.matrix[3][1] 
_pdbx_struct_oper_list.matrix[3][2] 
_pdbx_struct_oper_list.matrix[3][3] 
_pdbx_struct_oper_list.vector[3] 
1 'identity operation'         1_555 x,y,z     1.0000000000  0.0000000000  0.0000000000  0.0000000000  0.0000000000  1.0000000000  0.0000000000  0.0000000000   0.0000000000  0.0000000000  1.0000000000  0.0000000000   
2 'crystal symmetry operation' 5_555 y,-x+y,z  0.6916488468  -0.3608958197 0.6256005754  8.5853154155  0.6756893741  0.6292663425  -0.3840152861 -18.8584794708 -0.2550798745 0.6883153910  0.6790848107  7.1407513219   
3 'crystal symmetry operation' 6_555 x-y,x,z   0.6916488468  0.6756893741  -0.2550798745 8.6259126343  -0.3608958197 0.6292663425  0.6883153910  10.0503218077  0.6256005754  -0.3840152861 0.6790848107  -17.4620984124 
4 'crystal symmetry operation' 3_555 -x+y,-x,z 0.0749465405  -0.0461022653 0.9961212764  25.7965434652 0.9904829285  -0.1122009725 -0.0797151811 -27.6666371340 0.1154408264  0.9926154960  0.0372544320  -3.1805957686  
5 'crystal symmetry operation' 2_555 -y,x-y,z  0.0749465405  0.9904829285  0.1154408264  25.8371406841 -0.0461022653 -0.1122009725 0.9926154960  1.2421641445   0.9961212764  -0.0797151811 0.0372544320  -27.7834455029 
6 'crystal symmetry operation' 4_555 -x,-y,z   -0.2334046126 0.6295871088  0.7410414018  34.4224560995 0.6295871088  -0.4829346301 0.6086002099  -17.6163153263 0.7410414018  0.6086002099  -0.2836607573 -20.6426941810 
# 
_struct_biol.id   1 
# 
_struct_conf.conf_type_id            HELX_P 
_struct_conf.id                      HELX_P1 
_struct_conf.pdbx_PDB_helix_id       A 
_struct_conf.beg_label_comp_id       SER 
_struct_conf.beg_label_asym_id       A 
_struct_conf.beg_label_seq_id        31 
_struct_conf.pdbx_beg_PDB_ins_code   ? 
_struct_conf.end_label_comp_id       LYS 
_struct_conf.end_label_asym_id       A 
_struct_conf.end_label_seq_id        43 
_struct_conf.pdbx_end_PDB_ins_code   ? 
_struct_conf.beg_auth_comp_id        SER 
_struct_conf.beg_auth_asym_id        I 
_struct_conf.beg_auth_seq_id         31 
_struct_conf.end_auth_comp_id        LYS 
_struct_conf.end_auth_asym_id        I 
_struct_conf.end_auth_seq_id         43 
_struct_conf.pdbx_PDB_helix_class    1 
_struct_conf.details                 ? 
_struct_conf.pdbx_PDB_helix_length   13 
# 
_struct_conf_type.id          HELX_P 
_struct_conf_type.criteria    ? 
_struct_conf_type.reference   ? 
# 
_struct_sheet.id               S1 
_struct_sheet.type             ? 
_struct_sheet.number_strands   4 
_struct_sheet.details          ? 
# 
loop_
_struct_sheet_order.sheet_id 
_struct_sheet_order.range_id_1 
_struct_sheet_order.range_id_2 
_struct_sheet_order.offset 
_struct_sheet_order.sense 
S1 1 2 ? anti-parallel 
S1 2 3 ? anti-parallel 
S1 3 4 ? parallel      
# 
loop_
_struct_sheet_range.sheet_id 
_struct_sheet_range.id 
_struct_sheet_range.beg_label_comp_id 
_struct_sheet_range.beg_label_asym_id 
_struct_sheet_range.beg_label_seq_id 
_struct_sheet_range.pdbx_beg_PDB_ins_code 
_struct_sheet_range.end_label_comp_id 
_struct_sheet_range.end_label_asym_id 
_struct_sheet_range.end_label_seq_id 
_struct_sheet_range.pdbx_end_PDB_ins_code 
_struct_sheet_range.beg_auth_comp_id 
_struct_sheet_range.beg_auth_asym_id 
_struct_sheet_range.beg_auth_seq_id 
_struct_sheet_range.end_auth_comp_id 
_struct_sheet_range.end_auth_asym_id 
_struct_sheet_range.end_auth_seq_id 
S1 1 THR A 22 ? TRP A 24 ? THR I 22 TRP I 24 
S1 2 PRO A 80 ? GLY A 83 ? PRO I 80 GLY I 83 
S1 3 ASP A 64 ? ASP A 71 ? ASP I 64 ASP I 71 
S1 4 GLN A 47 ? VAL A 53 ? GLN I 47 VAL I 53 
# 
loop_
_pdbx_struct_sheet_hbond.sheet_id 
_pdbx_struct_sheet_hbond.range_id_1 
_pdbx_struct_sheet_hbond.range_id_2 
_pdbx_struct_sheet_hbond.range_1_label_atom_id 
_pdbx_struct_sheet_hbond.range_1_label_comp_id 
_pdbx_struct_sheet_hbond.range_1_label_asym_id 
_pdbx_struct_sheet_hbond.range_1_label_seq_id 
_pdbx_struct_sheet_hbond.range_1_PDB_ins_code 
_pdbx_struct_sheet_hbond.range_1_auth_atom_id 
_pdbx_struct_sheet_hbond.range_1_auth_comp_id 
_pdbx_struct_sheet_hbond.range_1_auth_asym_id 
_pdbx_struct_sheet_hbond.range_1_auth_seq_id 
_pdbx_struct_sheet_hbond.range_2_label_atom_id 
_pdbx_struct_sheet_hbond.range_2_label_comp_id 
_pdbx_struct_sheet_hbond.range_2_label_asym_id 
_pdbx_struct_sheet_hbond.range_2_label_seq_id 
_pdbx_struct_sheet_hbond.range_2_PDB_ins_code 
_pdbx_struct_sheet_hbond.range_2_auth_atom_id 
_pdbx_struct_sheet_hbond.range_2_auth_comp_id 
_pdbx_struct_sheet_hbond.range_2_auth_asym_id 
_pdbx_struct_sheet_hbond.range_2_auth_seq_id 
S1 1 2 O THR A 22 ? O THR I 22 N VAL A 82 ? N VAL I 82 
S1 2 3 N GLY A 83 ? N GLY I 83 O ARG A 65 ? O ARG I 65 
S1 3 4 O ASP A 64 ? O ASP I 64 N GLN A 47 ? N GLN I 47 
# 
_struct_site.id                   RSB 
_struct_site.pdbx_evidence_code   Unknown 
_struct_site.pdbx_auth_asym_id    ? 
_struct_site.pdbx_auth_comp_id    ? 
_struct_site.pdbx_auth_seq_id     ? 
_struct_site.pdbx_auth_ins_code   ? 
_struct_site.pdbx_num_residues    2 
_struct_site.details              ? 
# 
loop_
_struct_site_gen.id 
_struct_site_gen.site_id 
_struct_site_gen.pdbx_num_res 
_struct_site_gen.label_comp_id 
_struct_site_gen.label_asym_id 
_struct_site_gen.label_seq_id 
_struct_site_gen.pdbx_auth_ins_code 
_struct_site_gen.auth_comp_id 
_struct_site_gen.auth_asym_id 
_struct_site_gen.auth_seq_id 
_struct_site_gen.label_atom_id 
_struct_site_gen.label_alt_id 
_struct_site_gen.symmetry 
_struct_site_gen.details 
1 RSB 2 MET A 59 ? MET I 59 . ? 1_555 ? 
2 RSB 2 GLU A 60 ? GLU I 60 . ? 1_555 ? 
# 
loop_
_pdbx_validate_rmsd_angle.id 
_pdbx_validate_rmsd_angle.PDB_model_num 
_pdbx_validate_rmsd_angle.auth_atom_id_1 
_pdbx_validate_rmsd_angle.auth_asym_id_1 
_pdbx_validate_rmsd_angle.auth_comp_id_1 
_pdbx_validate_rmsd_angle.auth_seq_id_1 
_pdbx_validate_rmsd_angle.PDB_ins_code_1 
_pdbx_validate_rmsd_angle.label_alt_id_1 
_pdbx_validate_rmsd_angle.auth_atom_id_2 
_pdbx_validate_rmsd_angle.auth_asym_id_2 
_pdbx_validate_rmsd_angle.auth_comp_id_2 
_pdbx_validate_rmsd_angle.auth_seq_id_2 
_pdbx_validate_rmsd_angle.PDB_ins_code_2 
_pdbx_validate_rmsd_angle.label_alt_id_2 
_pdbx_validate_rmsd_angle.auth_atom_id_3 
_pdbx_validate_rmsd_angle.auth_asym_id_3 
_pdbx_validate_rmsd_angle.auth_comp_id_3 
_pdbx_validate_rmsd_angle.auth_seq_id_3 
_pdbx_validate_rmsd_angle.PDB_ins_code_3 
_pdbx_validate_rmsd_angle.label_alt_id_3 
_pdbx_validate_rmsd_angle.angle_value 
_pdbx_validate_rmsd_angle.angle_target_value 
_pdbx_validate_rmsd_angle.angle_deviation 
_pdbx_validate_rmsd_angle.angle_standard_deviation 
_pdbx_validate_rmsd_angle.linker_flag 
1 1 NE I ARG 65 ? ? CZ I ARG 65 ? ? NH1 I ARG 65 ? ? 123.58 120.30 3.28  0.50 N 
2 1 NE I ARG 81 ? ? CZ I ARG 81 ? ? NH2 I ARG 81 ? ? 117.18 120.30 -3.12 0.50 N 
# 
loop_
_pdbx_validate_torsion.id 
_pdbx_validate_torsion.PDB_model_num 
_pdbx_validate_torsion.auth_comp_id 
_pdbx_validate_torsion.auth_asym_id 
_pdbx_validate_torsion.auth_seq_id 
_pdbx_validate_torsion.PDB_ins_code 
_pdbx_validate_torsion.label_alt_id 
_pdbx_validate_torsion.phi 
_pdbx_validate_torsion.psi 
1 1 LEU I 20 ? ? 157.17 130.24 
2 1 MET I 59 ? ? -63.17 26.94  
3 1 ASP I 74 ? ? 74.28  35.11  
# 
_pdbx_database_remark.id     700 
_pdbx_database_remark.text   
;SHEET
THE SHEET SPECIFIED BELOW IS AN IRREGULAR SHEET.  ALL BUT
ONE HYDROGEN BOND BETWEEN STRANDS 2 AND 3 ARE PROVIDED BY
BRIDGING WATER MOLECULES.  SEE THE REFERENCE CITED ON THE
*JRNL* RECORDS ABOVE FOR DETAILS.
;
# 
_pdbx_entry_details.entry_id                 2CI2 
_pdbx_entry_details.compound_details         ? 
_pdbx_entry_details.source_details           ? 
_pdbx_entry_details.nonpolymer_details       ? 
_pdbx_entry_details.sequence_details         
;THE ORDER OF THE FIRST FOUR RESIDUES PRESENTED ON THE
*SEQRES* RECORDS BELOW IS UNKNOWN.
;
_pdbx_entry_details.has_ligand_of_interest   ? 
# 
loop_
_pdbx_unobs_or_zero_occ_residues.id 
_pdbx_unobs_or_zero_occ_residues.PDB_model_num 
_pdbx_unobs_or_zero_occ_residues.polymer_flag 
_pdbx_unobs_or_zero_occ_residues.occupancy_flag 
_pdbx_unobs_or_zero_occ_residues.auth_asym_id 
_pdbx_unobs_or_zero_occ_residues.auth_comp_id 
_pdbx_unobs_or_zero_occ_residues.auth_seq_id 
_pdbx_unobs_or_zero_occ_residues.PDB_ins_code 
_pdbx_unobs_or_zero_occ_residues.label_asym_id 
_pdbx_unobs_or_zero_occ_residues.label_comp_id 
_pdbx_unobs_or_zero_occ_residues.label_seq_id 
1  1 Y 1 I SER 1  ? A SER 1  
2  1 Y 1 I SER 2  ? A SER 2  
3  1 Y 1 I VAL 3  ? A VAL 3  
4  1 Y 1 I GLU 4  ? A GLU 4  
5  1 Y 1 I LYS 5  ? A LYS 5  
6  1 Y 1 I LYS 6  ? A LYS 6  
7  1 Y 1 I PRO 7  ? A PRO 7  
8  1 Y 1 I GLU 8  ? A GLU 8  
9  1 Y 1 I GLY 9  ? A GLY 9  
10 1 Y 1 I VAL 10 ? A VAL 10 
11 1 Y 1 I ASN 11 ? A ASN 11 
12 1 Y 1 I THR 12 ? A THR 12 
13 1 Y 1 I GLY 13 ? A GLY 13 
14 1 Y 1 I ALA 14 ? A ALA 14 
15 1 Y 1 I GLY 15 ? A GLY 15 
16 1 Y 1 I ASP 16 ? A ASP 16 
17 1 Y 1 I ARG 17 ? A ARG 17 
18 1 Y 1 I HIS 18 ? A HIS 18 
# 
loop_
_chem_comp_atom.comp_id 
_chem_comp_atom.atom_id 
_chem_comp_atom.type_symbol 
_chem_comp_atom.pdbx_aromatic_flag 
_chem_comp_atom.pdbx_stereo_config 
_chem_comp_atom.pdbx_ordinal 
ALA N    N N N 1   
ALA CA   C N S 2   
ALA C    C N N 3   
ALA O    O N N 4   
ALA CB   C N N 5   
ALA OXT  O N N 6   
ALA H    H N N 7   
ALA H2   H N N 8   
ALA HA   H N N 9   
ALA HB1  H N N 10  
ALA HB2  H N N 11  
ALA HB3  H N N 12  
ALA HXT  H N N 13  
ARG N    N N N 14  
ARG CA   C N S 15  
ARG C    C N N 16  
ARG O    O N N 17  
ARG CB   C N N 18  
ARG CG   C N N 19  
ARG CD   C N N 20  
ARG NE   N N N 21  
ARG CZ   C N N 22  
ARG NH1  N N N 23  
ARG NH2  N N N 24  
ARG OXT  O N N 25  
ARG H    H N N 26  
ARG H2   H N N 27  
ARG HA   H N N 28  
ARG HB2  H N N 29  
ARG HB3  H N N 30  
ARG HG2  H N N 31  
ARG HG3  H N N 32  
ARG HD2  H N N 33  
ARG HD3  H N N 34  
ARG HE   H N N 35  
ARG HH11 H N N 36  
ARG HH12 H N N 37  
ARG HH21 H N N 38  
ARG HH22 H N N 39  
ARG HXT  H N N 40  
ASN N    N N N 41  
ASN CA   C N S 42  
ASN C    C N N 43  
ASN O    O N N 44  
ASN CB   C N N 45  
ASN CG   C N N 46  
ASN OD1  O N N 47  
ASN ND2  N N N 48  
ASN OXT  O N N 49  
ASN H    H N N 50  
ASN H2   H N N 51  
ASN HA   H N N 52  
ASN HB2  H N N 53  
ASN HB3  H N N 54  
ASN HD21 H N N 55  
ASN HD22 H N N 56  
ASN HXT  H N N 57  
ASP N    N N N 58  
ASP CA   C N S 59  
ASP C    C N N 60  
ASP O    O N N 61  
ASP CB   C N N 62  
ASP CG   C N N 63  
ASP OD1  O N N 64  
ASP OD2  O N N 65  
ASP OXT  O N N 66  
ASP H    H N N 67  
ASP H2   H N N 68  
ASP HA   H N N 69  
ASP HB2  H N N 70  
ASP HB3  H N N 71  
ASP HD2  H N N 72  
ASP HXT  H N N 73  
GLN N    N N N 74  
GLN CA   C N S 75  
GLN C    C N N 76  
GLN O    O N N 77  
GLN CB   C N N 78  
GLN CG   C N N 79  
GLN CD   C N N 80  
GLN OE1  O N N 81  
GLN NE2  N N N 82  
GLN OXT  O N N 83  
GLN H    H N N 84  
GLN H2   H N N 85  
GLN HA   H N N 86  
GLN HB2  H N N 87  
GLN HB3  H N N 88  
GLN HG2  H N N 89  
GLN HG3  H N N 90  
GLN HE21 H N N 91  
GLN HE22 H N N 92  
GLN HXT  H N N 93  
GLU N    N N N 94  
GLU CA   C N S 95  
GLU C    C N N 96  
GLU O    O N N 97  
GLU CB   C N N 98  
GLU CG   C N N 99  
GLU CD   C N N 100 
GLU OE1  O N N 101 
GLU OE2  O N N 102 
GLU OXT  O N N 103 
GLU H    H N N 104 
GLU H2   H N N 105 
GLU HA   H N N 106 
GLU HB2  H N N 107 
GLU HB3  H N N 108 
GLU HG2  H N N 109 
GLU HG3  H N N 110 
GLU HE2  H N N 111 
GLU HXT  H N N 112 
GLY N    N N N 113 
GLY CA   C N N 114 
GLY C    C N N 115 
GLY O    O N N 116 
GLY OXT  O N N 117 
GLY H    H N N 118 
GLY H2   H N N 119 
GLY HA2  H N N 120 
GLY HA3  H N N 121 
GLY HXT  H N N 122 
HIS N    N N N 123 
HIS CA   C N S 124 
HIS C    C N N 125 
HIS O    O N N 126 
HIS CB   C N N 127 
HIS CG   C Y N 128 
HIS ND1  N Y N 129 
HIS CD2  C Y N 130 
HIS CE1  C Y N 131 
HIS NE2  N Y N 132 
HIS OXT  O N N 133 
HIS H    H N N 134 
HIS H2   H N N 135 
HIS HA   H N N 136 
HIS HB2  H N N 137 
HIS HB3  H N N 138 
HIS HD1  H N N 139 
HIS HD2  H N N 140 
HIS HE1  H N N 141 
HIS HE2  H N N 142 
HIS HXT  H N N 143 
HOH O    O N N 144 
HOH H1   H N N 145 
HOH H2   H N N 146 
ILE N    N N N 147 
ILE CA   C N S 148 
ILE C    C N N 149 
ILE O    O N N 150 
ILE CB   C N S 151 
ILE CG1  C N N 152 
ILE CG2  C N N 153 
ILE CD1  C N N 154 
ILE OXT  O N N 155 
ILE H    H N N 156 
ILE H2   H N N 157 
ILE HA   H N N 158 
ILE HB   H N N 159 
ILE HG12 H N N 160 
ILE HG13 H N N 161 
ILE HG21 H N N 162 
ILE HG22 H N N 163 
ILE HG23 H N N 164 
ILE HD11 H N N 165 
ILE HD12 H N N 166 
ILE HD13 H N N 167 
ILE HXT  H N N 168 
LEU N    N N N 169 
LEU CA   C N S 170 
LEU C    C N N 171 
LEU O    O N N 172 
LEU CB   C N N 173 
LEU CG   C N N 174 
LEU CD1  C N N 175 
LEU CD2  C N N 176 
LEU OXT  O N N 177 
LEU H    H N N 178 
LEU H2   H N N 179 
LEU HA   H N N 180 
LEU HB2  H N N 181 
LEU HB3  H N N 182 
LEU HG   H N N 183 
LEU HD11 H N N 184 
LEU HD12 H N N 185 
LEU HD13 H N N 186 
LEU HD21 H N N 187 
LEU HD22 H N N 188 
LEU HD23 H N N 189 
LEU HXT  H N N 190 
LYS N    N N N 191 
LYS CA   C N S 192 
LYS C    C N N 193 
LYS O    O N N 194 
LYS CB   C N N 195 
LYS CG   C N N 196 
LYS CD   C N N 197 
LYS CE   C N N 198 
LYS NZ   N N N 199 
LYS OXT  O N N 200 
LYS H    H N N 201 
LYS H2   H N N 202 
LYS HA   H N N 203 
LYS HB2  H N N 204 
LYS HB3  H N N 205 
LYS HG2  H N N 206 
LYS HG3  H N N 207 
LYS HD2  H N N 208 
LYS HD3  H N N 209 
LYS HE2  H N N 210 
LYS HE3  H N N 211 
LYS HZ1  H N N 212 
LYS HZ2  H N N 213 
LYS HZ3  H N N 214 
LYS HXT  H N N 215 
MET N    N N N 216 
MET CA   C N S 217 
MET C    C N N 218 
MET O    O N N 219 
MET CB   C N N 220 
MET CG   C N N 221 
MET SD   S N N 222 
MET CE   C N N 223 
MET OXT  O N N 224 
MET H    H N N 225 
MET H2   H N N 226 
MET HA   H N N 227 
MET HB2  H N N 228 
MET HB3  H N N 229 
MET HG2  H N N 230 
MET HG3  H N N 231 
MET HE1  H N N 232 
MET HE2  H N N 233 
MET HE3  H N N 234 
MET HXT  H N N 235 
PHE N    N N N 236 
PHE CA   C N S 237 
PHE C    C N N 238 
PHE O    O N N 239 
PHE CB   C N N 240 
PHE CG   C Y N 241 
PHE CD1  C Y N 242 
PHE CD2  C Y N 243 
PHE CE1  C Y N 244 
PHE CE2  C Y N 245 
PHE CZ   C Y N 246 
PHE OXT  O N N 247 
PHE H    H N N 248 
PHE H2   H N N 249 
PHE HA   H N N 250 
PHE HB2  H N N 251 
PHE HB3  H N N 252 
PHE HD1  H N N 253 
PHE HD2  H N N 254 
PHE HE1  H N N 255 
PHE HE2  H N N 256 
PHE HZ   H N N 257 
PHE HXT  H N N 258 
PRO N    N N N 259 
PRO CA   C N S 260 
PRO C    C N N 261 
PRO O    O N N 262 
PRO CB   C N N 263 
PRO CG   C N N 264 
PRO CD   C N N 265 
PRO OXT  O N N 266 
PRO H    H N N 267 
PRO HA   H N N 268 
PRO HB2  H N N 269 
PRO HB3  H N N 270 
PRO HG2  H N N 271 
PRO HG3  H N N 272 
PRO HD2  H N N 273 
PRO HD3  H N N 274 
PRO HXT  H N N 275 
SER N    N N N 276 
SER CA   C N S 277 
SER C    C N N 278 
SER O    O N N 279 
SER CB   C N N 280 
SER OG   O N N 281 
SER OXT  O N N 282 
SER H    H N N 283 
SER H2   H N N 284 
SER HA   H N N 285 
SER HB2  H N N 286 
SER HB3  H N N 287 
SER HG   H N N 288 
SER HXT  H N N 289 
THR N    N N N 290 
THR CA   C N S 291 
THR C    C N N 292 
THR O    O N N 293 
THR CB   C N R 294 
THR OG1  O N N 295 
THR CG2  C N N 296 
THR OXT  O N N 297 
THR H    H N N 298 
THR H2   H N N 299 
THR HA   H N N 300 
THR HB   H N N 301 
THR HG1  H N N 302 
THR HG21 H N N 303 
THR HG22 H N N 304 
THR HG23 H N N 305 
THR HXT  H N N 306 
TRP N    N N N 307 
TRP CA   C N S 308 
TRP C    C N N 309 
TRP O    O N N 310 
TRP CB   C N N 311 
TRP CG   C Y N 312 
TRP CD1  C Y N 313 
TRP CD2  C Y N 314 
TRP NE1  N Y N 315 
TRP CE2  C Y N 316 
TRP CE3  C Y N 317 
TRP CZ2  C Y N 318 
TRP CZ3  C Y N 319 
TRP CH2  C Y N 320 
TRP OXT  O N N 321 
TRP H    H N N 322 
TRP H2   H N N 323 
TRP HA   H N N 324 
TRP HB2  H N N 325 
TRP HB3  H N N 326 
TRP HD1  H N N 327 
TRP HE1  H N N 328 
TRP HE3  H N N 329 
TRP HZ2  H N N 330 
TRP HZ3  H N N 331 
TRP HH2  H N N 332 
TRP HXT  H N N 333 
TYR N    N N N 334 
TYR CA   C N S 335 
TYR C    C N N 336 
TYR O    O N N 337 
TYR CB   C N N 338 
TYR CG   C Y N 339 
TYR CD1  C Y N 340 
TYR CD2  C Y N 341 
TYR CE1  C Y N 342 
TYR CE2  C Y N 343 
TYR CZ   C Y N 344 
TYR OH   O N N 345 
TYR OXT  O N N 346 
TYR H    H N N 347 
TYR H2   H N N 348 
TYR HA   H N N 349 
TYR HB2  H N N 350 
TYR HB3  H N N 351 
TYR HD1  H N N 352 
TYR HD2  H N N 353 
TYR HE1  H N N 354 
TYR HE2  H N N 355 
TYR HH   H N N 356 
TYR HXT  H N N 357 
VAL N    N N N 358 
VAL CA   C N S 359 
VAL C    C N N 360 
VAL O    O N N 361 
VAL CB   C N N 362 
VAL CG1  C N N 363 
VAL CG2  C N N 364 
VAL OXT  O N N 365 
VAL H    H N N 366 
VAL H2   H N N 367 
VAL HA   H N N 368 
VAL HB   H N N 369 
VAL HG11 H N N 370 
VAL HG12 H N N 371 
VAL HG13 H N N 372 
VAL HG21 H N N 373 
VAL HG22 H N N 374 
VAL HG23 H N N 375 
VAL HXT  H N N 376 
# 
loop_
_chem_comp_bond.comp_id 
_chem_comp_bond.atom_id_1 
_chem_comp_bond.atom_id_2 
_chem_comp_bond.value_order 
_chem_comp_bond.pdbx_aromatic_flag 
_chem_comp_bond.pdbx_stereo_config 
_chem_comp_bond.pdbx_ordinal 
ALA N   CA   sing N N 1   
ALA N   H    sing N N 2   
ALA N   H2   sing N N 3   
ALA CA  C    sing N N 4   
ALA CA  CB   sing N N 5   
ALA CA  HA   sing N N 6   
ALA C   O    doub N N 7   
ALA C   OXT  sing N N 8   
ALA CB  HB1  sing N N 9   
ALA CB  HB2  sing N N 10  
ALA CB  HB3  sing N N 11  
ALA OXT HXT  sing N N 12  
ARG N   CA   sing N N 13  
ARG N   H    sing N N 14  
ARG N   H2   sing N N 15  
ARG CA  C    sing N N 16  
ARG CA  CB   sing N N 17  
ARG CA  HA   sing N N 18  
ARG C   O    doub N N 19  
ARG C   OXT  sing N N 20  
ARG CB  CG   sing N N 21  
ARG CB  HB2  sing N N 22  
ARG CB  HB3  sing N N 23  
ARG CG  CD   sing N N 24  
ARG CG  HG2  sing N N 25  
ARG CG  HG3  sing N N 26  
ARG CD  NE   sing N N 27  
ARG CD  HD2  sing N N 28  
ARG CD  HD3  sing N N 29  
ARG NE  CZ   sing N N 30  
ARG NE  HE   sing N N 31  
ARG CZ  NH1  sing N N 32  
ARG CZ  NH2  doub N N 33  
ARG NH1 HH11 sing N N 34  
ARG NH1 HH12 sing N N 35  
ARG NH2 HH21 sing N N 36  
ARG NH2 HH22 sing N N 37  
ARG OXT HXT  sing N N 38  
ASN N   CA   sing N N 39  
ASN N   H    sing N N 40  
ASN N   H2   sing N N 41  
ASN CA  C    sing N N 42  
ASN CA  CB   sing N N 43  
ASN CA  HA   sing N N 44  
ASN C   O    doub N N 45  
ASN C   OXT  sing N N 46  
ASN CB  CG   sing N N 47  
ASN CB  HB2  sing N N 48  
ASN CB  HB3  sing N N 49  
ASN CG  OD1  doub N N 50  
ASN CG  ND2  sing N N 51  
ASN ND2 HD21 sing N N 52  
ASN ND2 HD22 sing N N 53  
ASN OXT HXT  sing N N 54  
ASP N   CA   sing N N 55  
ASP N   H    sing N N 56  
ASP N   H2   sing N N 57  
ASP CA  C    sing N N 58  
ASP CA  CB   sing N N 59  
ASP CA  HA   sing N N 60  
ASP C   O    doub N N 61  
ASP C   OXT  sing N N 62  
ASP CB  CG   sing N N 63  
ASP CB  HB2  sing N N 64  
ASP CB  HB3  sing N N 65  
ASP CG  OD1  doub N N 66  
ASP CG  OD2  sing N N 67  
ASP OD2 HD2  sing N N 68  
ASP OXT HXT  sing N N 69  
GLN N   CA   sing N N 70  
GLN N   H    sing N N 71  
GLN N   H2   sing N N 72  
GLN CA  C    sing N N 73  
GLN CA  CB   sing N N 74  
GLN CA  HA   sing N N 75  
GLN C   O    doub N N 76  
GLN C   OXT  sing N N 77  
GLN CB  CG   sing N N 78  
GLN CB  HB2  sing N N 79  
GLN CB  HB3  sing N N 80  
GLN CG  CD   sing N N 81  
GLN CG  HG2  sing N N 82  
GLN CG  HG3  sing N N 83  
GLN CD  OE1  doub N N 84  
GLN CD  NE2  sing N N 85  
GLN NE2 HE21 sing N N 86  
GLN NE2 HE22 sing N N 87  
GLN OXT HXT  sing N N 88  
GLU N   CA   sing N N 89  
GLU N   H    sing N N 90  
GLU N   H2   sing N N 91  
GLU CA  C    sing N N 92  
GLU CA  CB   sing N N 93  
GLU CA  HA   sing N N 94  
GLU C   O    doub N N 95  
GLU C   OXT  sing N N 96  
GLU CB  CG   sing N N 97  
GLU CB  HB2  sing N N 98  
GLU CB  HB3  sing N N 99  
GLU CG  CD   sing N N 100 
GLU CG  HG2  sing N N 101 
GLU CG  HG3  sing N N 102 
GLU CD  OE1  doub N N 103 
GLU CD  OE2  sing N N 104 
GLU OE2 HE2  sing N N 105 
GLU OXT HXT  sing N N 106 
GLY N   CA   sing N N 107 
GLY N   H    sing N N 108 
GLY N   H2   sing N N 109 
GLY CA  C    sing N N 110 
GLY CA  HA2  sing N N 111 
GLY CA  HA3  sing N N 112 
GLY C   O    doub N N 113 
GLY C   OXT  sing N N 114 
GLY OXT HXT  sing N N 115 
HIS N   CA   sing N N 116 
HIS N   H    sing N N 117 
HIS N   H2   sing N N 118 
HIS CA  C    sing N N 119 
HIS CA  CB   sing N N 120 
HIS CA  HA   sing N N 121 
HIS C   O    doub N N 122 
HIS C   OXT  sing N N 123 
HIS CB  CG   sing N N 124 
HIS CB  HB2  sing N N 125 
HIS CB  HB3  sing N N 126 
HIS CG  ND1  sing Y N 127 
HIS CG  CD2  doub Y N 128 
HIS ND1 CE1  doub Y N 129 
HIS ND1 HD1  sing N N 130 
HIS CD2 NE2  sing Y N 131 
HIS CD2 HD2  sing N N 132 
HIS CE1 NE2  sing Y N 133 
HIS CE1 HE1  sing N N 134 
HIS NE2 HE2  sing N N 135 
HIS OXT HXT  sing N N 136 
HOH O   H1   sing N N 137 
HOH O   H2   sing N N 138 
ILE N   CA   sing N N 139 
ILE N   H    sing N N 140 
ILE N   H2   sing N N 141 
ILE CA  C    sing N N 142 
ILE CA  CB   sing N N 143 
ILE CA  HA   sing N N 144 
ILE C   O    doub N N 145 
ILE C   OXT  sing N N 146 
ILE CB  CG1  sing N N 147 
ILE CB  CG2  sing N N 148 
ILE CB  HB   sing N N 149 
ILE CG1 CD1  sing N N 150 
ILE CG1 HG12 sing N N 151 
ILE CG1 HG13 sing N N 152 
ILE CG2 HG21 sing N N 153 
ILE CG2 HG22 sing N N 154 
ILE CG2 HG23 sing N N 155 
ILE CD1 HD11 sing N N 156 
ILE CD1 HD12 sing N N 157 
ILE CD1 HD13 sing N N 158 
ILE OXT HXT  sing N N 159 
LEU N   CA   sing N N 160 
LEU N   H    sing N N 161 
LEU N   H2   sing N N 162 
LEU CA  C    sing N N 163 
LEU CA  CB   sing N N 164 
LEU CA  HA   sing N N 165 
LEU C   O    doub N N 166 
LEU C   OXT  sing N N 167 
LEU CB  CG   sing N N 168 
LEU CB  HB2  sing N N 169 
LEU CB  HB3  sing N N 170 
LEU CG  CD1  sing N N 171 
LEU CG  CD2  sing N N 172 
LEU CG  HG   sing N N 173 
LEU CD1 HD11 sing N N 174 
LEU CD1 HD12 sing N N 175 
LEU CD1 HD13 sing N N 176 
LEU CD2 HD21 sing N N 177 
LEU CD2 HD22 sing N N 178 
LEU CD2 HD23 sing N N 179 
LEU OXT HXT  sing N N 180 
LYS N   CA   sing N N 181 
LYS N   H    sing N N 182 
LYS N   H2   sing N N 183 
LYS CA  C    sing N N 184 
LYS CA  CB   sing N N 185 
LYS CA  HA   sing N N 186 
LYS C   O    doub N N 187 
LYS C   OXT  sing N N 188 
LYS CB  CG   sing N N 189 
LYS CB  HB2  sing N N 190 
LYS CB  HB3  sing N N 191 
LYS CG  CD   sing N N 192 
LYS CG  HG2  sing N N 193 
LYS CG  HG3  sing N N 194 
LYS CD  CE   sing N N 195 
LYS CD  HD2  sing N N 196 
LYS CD  HD3  sing N N 197 
LYS CE  NZ   sing N N 198 
LYS CE  HE2  sing N N 199 
LYS CE  HE3  sing N N 200 
LYS NZ  HZ1  sing N N 201 
LYS NZ  HZ2  sing N N 202 
LYS NZ  HZ3  sing N N 203 
LYS OXT HXT  sing N N 204 
MET N   CA   sing N N 205 
MET N   H    sing N N 206 
MET N   H2   sing N N 207 
MET CA  C    sing N N 208 
MET CA  CB   sing N N 209 
MET CA  HA   sing N N 210 
MET C   O    doub N N 211 
MET C   OXT  sing N N 212 
MET CB  CG   sing N N 213 
MET CB  HB2  sing N N 214 
MET CB  HB3  sing N N 215 
MET CG  SD   sing N N 216 
MET CG  HG2  sing N N 217 
MET CG  HG3  sing N N 218 
MET SD  CE   sing N N 219 
MET CE  HE1  sing N N 220 
MET CE  HE2  sing N N 221 
MET CE  HE3  sing N N 222 
MET OXT HXT  sing N N 223 
PHE N   CA   sing N N 224 
PHE N   H    sing N N 225 
PHE N   H2   sing N N 226 
PHE CA  C    sing N N 227 
PHE CA  CB   sing N N 228 
PHE CA  HA   sing N N 229 
PHE C   O    doub N N 230 
PHE C   OXT  sing N N 231 
PHE CB  CG   sing N N 232 
PHE CB  HB2  sing N N 233 
PHE CB  HB3  sing N N 234 
PHE CG  CD1  doub Y N 235 
PHE CG  CD2  sing Y N 236 
PHE CD1 CE1  sing Y N 237 
PHE CD1 HD1  sing N N 238 
PHE CD2 CE2  doub Y N 239 
PHE CD2 HD2  sing N N 240 
PHE CE1 CZ   doub Y N 241 
PHE CE1 HE1  sing N N 242 
PHE CE2 CZ   sing Y N 243 
PHE CE2 HE2  sing N N 244 
PHE CZ  HZ   sing N N 245 
PHE OXT HXT  sing N N 246 
PRO N   CA   sing N N 247 
PRO N   CD   sing N N 248 
PRO N   H    sing N N 249 
PRO CA  C    sing N N 250 
PRO CA  CB   sing N N 251 
PRO CA  HA   sing N N 252 
PRO C   O    doub N N 253 
PRO C   OXT  sing N N 254 
PRO CB  CG   sing N N 255 
PRO CB  HB2  sing N N 256 
PRO CB  HB3  sing N N 257 
PRO CG  CD   sing N N 258 
PRO CG  HG2  sing N N 259 
PRO CG  HG3  sing N N 260 
PRO CD  HD2  sing N N 261 
PRO CD  HD3  sing N N 262 
PRO OXT HXT  sing N N 263 
SER N   CA   sing N N 264 
SER N   H    sing N N 265 
SER N   H2   sing N N 266 
SER CA  C    sing N N 267 
SER CA  CB   sing N N 268 
SER CA  HA   sing N N 269 
SER C   O    doub N N 270 
SER C   OXT  sing N N 271 
SER CB  OG   sing N N 272 
SER CB  HB2  sing N N 273 
SER CB  HB3  sing N N 274 
SER OG  HG   sing N N 275 
SER OXT HXT  sing N N 276 
THR N   CA   sing N N 277 
THR N   H    sing N N 278 
THR N   H2   sing N N 279 
THR CA  C    sing N N 280 
THR CA  CB   sing N N 281 
THR CA  HA   sing N N 282 
THR C   O    doub N N 283 
THR C   OXT  sing N N 284 
THR CB  OG1  sing N N 285 
THR CB  CG2  sing N N 286 
THR CB  HB   sing N N 287 
THR OG1 HG1  sing N N 288 
THR CG2 HG21 sing N N 289 
THR CG2 HG22 sing N N 290 
THR CG2 HG23 sing N N 291 
THR OXT HXT  sing N N 292 
TRP N   CA   sing N N 293 
TRP N   H    sing N N 294 
TRP N   H2   sing N N 295 
TRP CA  C    sing N N 296 
TRP CA  CB   sing N N 297 
TRP CA  HA   sing N N 298 
TRP C   O    doub N N 299 
TRP C   OXT  sing N N 300 
TRP CB  CG   sing N N 301 
TRP CB  HB2  sing N N 302 
TRP CB  HB3  sing N N 303 
TRP CG  CD1  doub Y N 304 
TRP CG  CD2  sing Y N 305 
TRP CD1 NE1  sing Y N 306 
TRP CD1 HD1  sing N N 307 
TRP CD2 CE2  doub Y N 308 
TRP CD2 CE3  sing Y N 309 
TRP NE1 CE2  sing Y N 310 
TRP NE1 HE1  sing N N 311 
TRP CE2 CZ2  sing Y N 312 
TRP CE3 CZ3  doub Y N 313 
TRP CE3 HE3  sing N N 314 
TRP CZ2 CH2  doub Y N 315 
TRP CZ2 HZ2  sing N N 316 
TRP CZ3 CH2  sing Y N 317 
TRP CZ3 HZ3  sing N N 318 
TRP CH2 HH2  sing N N 319 
TRP OXT HXT  sing N N 320 
TYR N   CA   sing N N 321 
TYR N   H    sing N N 322 
TYR N   H2   sing N N 323 
TYR CA  C    sing N N 324 
TYR CA  CB   sing N N 325 
TYR CA  HA   sing N N 326 
TYR C   O    doub N N 327 
TYR C   OXT  sing N N 328 
TYR CB  CG   sing N N 329 
TYR CB  HB2  sing N N 330 
TYR CB  HB3  sing N N 331 
TYR CG  CD1  doub Y N 332 
TYR CG  CD2  sing Y N 333 
TYR CD1 CE1  sing Y N 334 
TYR CD1 HD1  sing N N 335 
TYR CD2 CE2  doub Y N 336 
TYR CD2 HD2  sing N N 337 
TYR CE1 CZ   doub Y N 338 
TYR CE1 HE1  sing N N 339 
TYR CE2 CZ   sing Y N 340 
TYR CE2 HE2  sing N N 341 
TYR CZ  OH   sing N N 342 
TYR OH  HH   sing N N 343 
TYR OXT HXT  sing N N 344 
VAL N   CA   sing N N 345 
VAL N   H    sing N N 346 
VAL N   H2   sing N N 347 
VAL CA  C    sing N N 348 
VAL CA  CB   sing N N 349 
VAL CA  HA   sing N N 350 
VAL C   O    doub N N 351 
VAL C   OXT  sing N N 352 
VAL CB  CG1  sing N N 353 
VAL CB  CG2  sing N N 354 
VAL CB  HB   sing N N 355 
VAL CG1 HG11 sing N N 356 
VAL CG1 HG12 sing N N 357 
VAL CG1 HG13 sing N N 358 
VAL CG2 HG21 sing N N 359 
VAL CG2 HG22 sing N N 360 
VAL CG2 HG23 sing N N 361 
VAL OXT HXT  sing N N 362 
# 
_atom_sites.entry_id                    2CI2 
_atom_sites.fract_transf_matrix[1][1]   0.00382112 
_atom_sites.fract_transf_matrix[1][2]   0.01024950 
_atom_sites.fract_transf_matrix[1][3]   -0.01266084 
_atom_sites.fract_transf_matrix[2][1]   0.01279731 
_atom_sites.fract_transf_matrix[2][2]   -0.00364372 
_atom_sites.fract_transf_matrix[2][3]   -0.01014291 
_atom_sites.fract_transf_matrix[3][1]   -0.01170552 
_atom_sites.fract_transf_matrix[3][2]   -0.00961347 
_atom_sites.fract_transf_matrix[3][3]   -0.01131532 
_atom_sites.fract_transf_vector[1]      -0.106164 
_atom_sites.fract_transf_vector[2]      -0.357040 
_atom_sites.fract_transf_vector[3]      0.231803 
# 
loop_
_atom_type.symbol 
C 
N 
O 
S 
# 
loop_
_atom_site.group_PDB 
_atom_site.id 
_atom_site.type_symbol 
_atom_site.label_atom_id 
_atom_site.label_alt_id 
_atom_site.label_comp_id 
_atom_site.label_asym_id 
_atom_site.label_entity_id 
_atom_site.label_seq_id 
_atom_site.pdbx_PDB_ins_code 
_atom_site.Cartn_x 
_atom_site.Cartn_y 
_atom_site.Cartn_z 
_atom_site.occupancy 
_atom_site.B_iso_or_equiv 
_atom_site.pdbx_formal_charge 
_atom_site.auth_seq_id 
_atom_site.auth_comp_id 
_atom_site.auth_asym_id 
_atom_site.auth_atom_id 
_atom_site.pdbx_PDB_model_num 
ATOM   1   N N   . ASN A 1 19 ? -8.876  14.493  10.267  1.00 57.52 ? 19  ASN I N   1 
ATOM   2   C CA  . ASN A 1 19 ? -8.516  13.084  10.496  1.00 57.72 ? 19  ASN I CA  1 
ATOM   3   C C   . ASN A 1 19 ? -7.556  12.632  9.390   1.00 57.15 ? 19  ASN I C   1 
ATOM   4   O O   . ASN A 1 19 ? -6.911  13.463  8.728   1.00 57.88 ? 19  ASN I O   1 
ATOM   5   C CB  . ASN A 1 19 ? -9.759  12.215  10.623  1.00 60.98 ? 19  ASN I CB  1 
ATOM   6   C CG  . ASN A 1 19 ? -11.004 12.987  11.010  1.00 63.99 ? 19  ASN I CG  1 
ATOM   7   O OD1 . ASN A 1 19 ? -11.906 12.450  11.671  1.00 66.43 ? 19  ASN I OD1 1 
ATOM   8   N ND2 . ASN A 1 19 ? -11.074 14.256  10.611  1.00 65.02 ? 19  ASN I ND2 1 
ATOM   9   N N   . LEU A 1 20 ? -7.488  11.320  9.237   1.00 55.25 ? 20  LEU I N   1 
ATOM   10  C CA  . LEU A 1 20 ? -6.658  10.671  8.219   1.00 50.58 ? 20  LEU I CA  1 
ATOM   11  C C   . LEU A 1 20 ? -6.309  9.223   8.576   1.00 47.16 ? 20  LEU I C   1 
ATOM   12  O O   . LEU A 1 20 ? -5.873  8.921   9.699   1.00 45.57 ? 20  LEU I O   1 
ATOM   13  C CB  . LEU A 1 20 ? -5.434  11.557  7.952   1.00 50.13 ? 20  LEU I CB  1 
ATOM   14  C CG  . LEU A 1 20 ? -5.034  11.761  6.499   1.00 50.99 ? 20  LEU I CG  1 
ATOM   15  C CD1 . LEU A 1 20 ? -6.255  11.937  5.604   1.00 49.77 ? 20  LEU I CD1 1 
ATOM   16  C CD2 . LEU A 1 20 ? -4.126  12.989  6.417   1.00 52.95 ? 20  LEU I CD2 1 
ATOM   17  N N   . LYS A 1 21 ? -6.544  8.356   7.596   1.00 42.72 ? 21  LYS I N   1 
ATOM   18  C CA  . LYS A 1 21 ? -6.154  6.945   7.694   1.00 37.90 ? 21  LYS I CA  1 
ATOM   19  C C   . LYS A 1 21 ? -4.928  6.860   6.761   1.00 34.37 ? 21  LYS I C   1 
ATOM   20  O O   . LYS A 1 21 ? -5.064  7.144   5.565   1.00 34.11 ? 21  LYS I O   1 
ATOM   21  C CB  . LYS A 1 21 ? -7.127  5.842   7.361   1.00 35.30 ? 21  LYS I CB  1 
ATOM   22  C CG  . LYS A 1 21 ? -6.656  4.489   7.934   1.00 27.47 ? 21  LYS I CG  1 
ATOM   23  C CD  . LYS A 1 21 ? -7.596  3.360   7.563   1.00 28.32 ? 21  LYS I CD  1 
ATOM   24  C CE  . LYS A 1 21 ? -7.306  2.069   8.290   1.00 24.21 ? 21  LYS I CE  1 
ATOM   25  N NZ  . LYS A 1 21 ? -8.063  0.942   7.675   1.00 25.08 ? 21  LYS I NZ  1 
ATOM   26  N N   . THR A 1 22 ? -3.809  6.554   7.385   1.00 31.34 ? 22  THR I N   1 
ATOM   27  C CA  . THR A 1 22 ? -2.527  6.538   6.676   1.00 27.32 ? 22  THR I CA  1 
ATOM   28  C C   . THR A 1 22 ? -1.798  5.211   6.705   1.00 25.34 ? 22  THR I C   1 
ATOM   29  O O   . THR A 1 22 ? -0.764  5.104   6.017   1.00 24.28 ? 22  THR I O   1 
ATOM   30  C CB  . THR A 1 22 ? -1.626  7.695   7.282   1.00 25.48 ? 22  THR I CB  1 
ATOM   31  O OG1 . THR A 1 22 ? -1.524  7.372   8.704   1.00 25.70 ? 22  THR I OG1 1 
ATOM   32  C CG2 . THR A 1 22 ? -2.235  9.078   7.037   1.00 27.40 ? 22  THR I CG2 1 
ATOM   33  N N   . GLU A 1 23 ? -2.337  4.263   7.453   1.00 23.62 ? 23  GLU I N   1 
ATOM   34  C CA  . GLU A 1 23 ? -1.690  2.938   7.531   1.00 19.26 ? 23  GLU I CA  1 
ATOM   35  C C   . GLU A 1 23 ? -2.708  1.828   7.652   1.00 17.05 ? 23  GLU I C   1 
ATOM   36  O O   . GLU A 1 23 ? -3.754  2.012   8.290   1.00 15.10 ? 23  GLU I O   1 
ATOM   37  C CB  . GLU A 1 23 ? -0.660  2.891   8.611   1.00 23.29 ? 23  GLU I CB  1 
ATOM   38  C CG  . GLU A 1 23 ? -1.039  2.760   10.087  1.00 29.02 ? 23  GLU I CG  1 
ATOM   39  C CD  . GLU A 1 23 ? 0.292   2.687   10.814  1.00 33.08 ? 23  GLU I CD  1 
ATOM   40  O OE1 . GLU A 1 23 ? 1.105   3.573   10.604  1.00 37.10 ? 23  GLU I OE1 1 
ATOM   41  O OE2 . GLU A 1 23 ? 0.437   1.624   11.432  1.00 39.26 ? 23  GLU I OE2 1 
ATOM   42  N N   . TRP A 1 24 ? -2.395  0.736   6.982   1.00 14.26 ? 24  TRP I N   1 
ATOM   43  C CA  . TRP A 1 24 ? -3.275  -0.430  6.873   1.00 16.19 ? 24  TRP I CA  1 
ATOM   44  C C   . TRP A 1 24 ? -2.613  -1.715  7.382   1.00 16.38 ? 24  TRP I C   1 
ATOM   45  O O   . TRP A 1 24 ? -2.488  -2.688  6.623   1.00 16.67 ? 24  TRP I O   1 
ATOM   46  C CB  . TRP A 1 24 ? -3.800  -0.584  5.440   1.00 13.74 ? 24  TRP I CB  1 
ATOM   47  C CG  . TRP A 1 24 ? -4.765  0.447   4.968   1.00 17.24 ? 24  TRP I CG  1 
ATOM   48  C CD1 . TRP A 1 24 ? -6.134  0.362   4.949   1.00 16.31 ? 24  TRP I CD1 1 
ATOM   49  C CD2 . TRP A 1 24 ? -4.451  1.757   4.467   1.00 14.54 ? 24  TRP I CD2 1 
ATOM   50  N NE1 . TRP A 1 24 ? -6.681  1.525   4.473   1.00 14.15 ? 24  TRP I NE1 1 
ATOM   51  C CE2 . TRP A 1 24 ? -5.677  2.399   4.177   1.00 15.43 ? 24  TRP I CE2 1 
ATOM   52  C CE3 . TRP A 1 24 ? -3.261  2.447   4.282   1.00 14.87 ? 24  TRP I CE3 1 
ATOM   53  C CZ2 . TRP A 1 24 ? -5.739  3.687   3.664   1.00 16.89 ? 24  TRP I CZ2 1 
ATOM   54  C CZ3 . TRP A 1 24 ? -3.309  3.732   3.782   1.00 14.60 ? 24  TRP I CZ3 1 
ATOM   55  C CH2 . TRP A 1 24 ? -4.525  4.342   3.484   1.00 17.78 ? 24  TRP I CH2 1 
ATOM   56  N N   . PRO A 1 25 ? -2.261  -1.704  8.656   1.00 19.10 ? 25  PRO I N   1 
ATOM   57  C CA  . PRO A 1 25 ? -1.654  -2.850  9.334   1.00 18.76 ? 25  PRO I CA  1 
ATOM   58  C C   . PRO A 1 25 ? -2.442  -4.136  9.158   1.00 19.70 ? 25  PRO I C   1 
ATOM   59  O O   . PRO A 1 25 ? -1.837  -5.220  9.146   1.00 21.19 ? 25  PRO I O   1 
ATOM   60  C CB  . PRO A 1 25 ? -1.600  -2.454  10.810  1.00 20.05 ? 25  PRO I CB  1 
ATOM   61  C CG  . PRO A 1 25 ? -2.571  -1.305  10.928  1.00 19.41 ? 25  PRO I CG  1 
ATOM   62  C CD  . PRO A 1 25 ? -2.447  -0.575  9.594   1.00 18.83 ? 25  PRO I CD  1 
ATOM   63  N N   . GLU A 1 26 ? -3.752  -4.016  9.049   1.00 20.43 ? 26  GLU I N   1 
ATOM   64  C CA  . GLU A 1 26 ? -4.659  -5.157  8.919   1.00 19.22 ? 26  GLU I CA  1 
ATOM   65  C C   . GLU A 1 26 ? -4.482  -5.851  7.573   1.00 19.21 ? 26  GLU I C   1 
ATOM   66  O O   . GLU A 1 26 ? -5.110  -6.894  7.349   1.00 21.13 ? 26  GLU I O   1 
ATOM   67  C CB  . GLU A 1 26 ? -6.132  -4.744  8.974   1.00 22.19 ? 26  GLU I CB  1 
ATOM   68  C CG  . GLU A 1 26 ? -6.701  -3.937  7.797   1.00 21.65 ? 26  GLU I CG  1 
ATOM   69  C CD  . GLU A 1 26 ? -6.693  -2.449  7.998   1.00 20.90 ? 26  GLU I CD  1 
ATOM   70  O OE1 . GLU A 1 26 ? -5.843  -1.894  8.660   1.00 14.10 ? 26  GLU I OE1 1 
ATOM   71  O OE2 . GLU A 1 26 ? -7.634  -1.824  7.467   1.00 24.93 ? 26  GLU I OE2 1 
ATOM   72  N N   . LEU A 1 27 ? -3.685  -5.247  6.714   1.00 17.70 ? 27  LEU I N   1 
ATOM   73  C CA  . LEU A 1 27 ? -3.495  -5.754  5.358   1.00 16.78 ? 27  LEU I CA  1 
ATOM   74  C C   . LEU A 1 27 ? -2.314  -6.689  5.169   1.00 14.89 ? 27  LEU I C   1 
ATOM   75  O O   . LEU A 1 27 ? -2.345  -7.327  4.092   1.00 15.43 ? 27  LEU I O   1 
ATOM   76  C CB  . LEU A 1 27 ? -3.516  -4.571  4.373   1.00 18.14 ? 27  LEU I CB  1 
ATOM   77  C CG  . LEU A 1 27 ? -4.876  -3.943  4.098   1.00 20.69 ? 27  LEU I CG  1 
ATOM   78  C CD1 . LEU A 1 27 ? -4.746  -2.789  3.109   1.00 23.78 ? 27  LEU I CD1 1 
ATOM   79  C CD2 . LEU A 1 27 ? -5.808  -5.012  3.538   1.00 18.89 ? 27  LEU I CD2 1 
ATOM   80  N N   . VAL A 1 28 ? -1.379  -6.766  6.102   1.00 14.14 ? 28  VAL I N   1 
ATOM   81  C CA  . VAL A 1 28 ? -0.241  -7.682  5.902   1.00 12.54 ? 28  VAL I CA  1 
ATOM   82  C C   . VAL A 1 28 ? -0.775  -9.092  5.654   1.00 13.06 ? 28  VAL I C   1 
ATOM   83  O O   . VAL A 1 28 ? -1.639  -9.581  6.394   1.00 14.30 ? 28  VAL I O   1 
ATOM   84  C CB  . VAL A 1 28 ? 0.789   -7.606  7.023   1.00 14.01 ? 28  VAL I CB  1 
ATOM   85  C CG1 . VAL A 1 28 ? 1.965   -8.557  6.765   1.00 14.05 ? 28  VAL I CG1 1 
ATOM   86  C CG2 . VAL A 1 28 ? 1.283   -6.184  7.263   1.00 13.54 ? 28  VAL I CG2 1 
ATOM   87  N N   . GLY A 1 29 ? -0.299  -9.697  4.586   1.00 12.49 ? 29  GLY I N   1 
ATOM   88  C CA  . GLY A 1 29 ? -0.637  -11.055 4.183   1.00 12.66 ? 29  GLY I CA  1 
ATOM   89  C C   . GLY A 1 29 ? -1.711  -11.232 3.135   1.00 13.68 ? 29  GLY I C   1 
ATOM   90  O O   . GLY A 1 29 ? -1.812  -12.318 2.533   1.00 12.22 ? 29  GLY I O   1 
ATOM   91  N N   . LYS A 1 30 ? -2.514  -10.210 2.940   1.00 12.70 ? 30  LYS I N   1 
ATOM   92  C CA  . LYS A 1 30 ? -3.615  -10.203 1.972   1.00 14.92 ? 30  LYS I CA  1 
ATOM   93  C C   . LYS A 1 30 ? -3.108  -9.944  0.554   1.00 13.30 ? 30  LYS I C   1 
ATOM   94  O O   . LYS A 1 30 ? -2.013  -9.407  0.353   1.00 14.33 ? 30  LYS I O   1 
ATOM   95  C CB  . LYS A 1 30 ? -4.657  -9.149  2.343   1.00 17.67 ? 30  LYS I CB  1 
ATOM   96  C CG  . LYS A 1 30 ? -4.998  -9.143  3.832   1.00 22.39 ? 30  LYS I CG  1 
ATOM   97  C CD  . LYS A 1 30 ? -6.487  -9.019  4.072   1.00 23.93 ? 30  LYS I CD  1 
ATOM   98  C CE  . LYS A 1 30 ? -6.952  -9.774  5.298   1.00 31.09 ? 30  LYS I CE  1 
ATOM   99  N NZ  . LYS A 1 30 ? -5.826  -10.107 6.209   1.00 34.91 ? 30  LYS I NZ  1 
ATOM   100 N N   . SER A 1 31 ? -3.915  -10.354 -0.407  1.00 14.78 ? 31  SER I N   1 
ATOM   101 C CA  . SER A 1 31 ? -3.606  -10.171 -1.831  1.00 15.00 ? 31  SER I CA  1 
ATOM   102 C C   . SER A 1 31 ? -3.717  -8.681  -2.168  1.00 15.62 ? 31  SER I C   1 
ATOM   103 O O   . SER A 1 31 ? -4.327  -7.885  -1.444  1.00 15.37 ? 31  SER I O   1 
ATOM   104 C CB  . SER A 1 31 ? -4.513  -11.016 -2.708  1.00 14.91 ? 31  SER I CB  1 
ATOM   105 O OG  . SER A 1 31 ? -5.745  -10.353 -2.927  1.00 15.27 ? 31  SER I OG  1 
ATOM   106 N N   . VAL A 1 32 ? -3.074  -8.351  -3.276  1.00 18.52 ? 32  VAL I N   1 
ATOM   107 C CA  . VAL A 1 32 ? -3.059  -6.995  -3.830  1.00 16.46 ? 32  VAL I CA  1 
ATOM   108 C C   . VAL A 1 32 ? -4.491  -6.627  -4.236  1.00 16.12 ? 32  VAL I C   1 
ATOM   109 O O   . VAL A 1 32 ? -4.886  -5.475  -4.054  1.00 16.39 ? 32  VAL I O   1 
ATOM   110 C CB  . VAL A 1 32 ? -2.051  -6.837  -4.974  1.00 20.13 ? 32  VAL I CB  1 
ATOM   111 C CG1 . VAL A 1 32 ? -2.514  -5.744  -5.945  1.00 22.99 ? 32  VAL I CG1 1 
ATOM   112 C CG2 . VAL A 1 32 ? -0.636  -6.523  -4.504  1.00 17.66 ? 32  VAL I CG2 1 
ATOM   113 N N   . GLU A 1 33 ? -5.239  -7.590  -4.726  1.00 17.43 ? 33  GLU I N   1 
ATOM   114 C CA  . GLU A 1 33 ? -6.626  -7.414  -5.163  1.00 19.39 ? 33  GLU I CA  1 
ATOM   115 C C   . GLU A 1 33 ? -7.499  -7.022  -3.973  1.00 20.42 ? 33  GLU I C   1 
ATOM   116 O O   . GLU A 1 33 ? -8.214  -5.995  -3.977  1.00 20.10 ? 33  GLU I O   1 
ATOM   117 C CB  . GLU A 1 33 ? -7.150  -8.656  -5.854  1.00 28.51 ? 33  GLU I CB  1 
ATOM   118 C CG  . GLU A 1 33 ? -6.220  -9.752  -6.312  1.00 41.74 ? 33  GLU I CG  1 
ATOM   119 C CD  . GLU A 1 33 ? -4.734  -9.690  -6.291  1.00 45.30 ? 33  GLU I CD  1 
ATOM   120 O OE1 . GLU A 1 33 ? -3.981  -10.657 -6.346  1.00 46.73 ? 33  GLU I OE1 1 
ATOM   121 O OE2 . GLU A 1 33 ? -4.253  -8.534  -6.245  1.00 53.43 ? 33  GLU I OE2 1 
ATOM   122 N N   . GLU A 1 34 ? -7.378  -7.812  -2.915  1.00 18.24 ? 34  GLU I N   1 
ATOM   123 C CA  . GLU A 1 34 ? -8.083  -7.571  -1.661  1.00 17.75 ? 34  GLU I CA  1 
ATOM   124 C C   . GLU A 1 34 ? -7.636  -6.219  -1.103  1.00 18.11 ? 34  GLU I C   1 
ATOM   125 O O   . GLU A 1 34 ? -8.511  -5.395  -0.781  1.00 20.56 ? 34  GLU I O   1 
ATOM   126 C CB  . GLU A 1 34 ? -7.873  -8.631  -0.598  1.00 20.05 ? 34  GLU I CB  1 
ATOM   127 C CG  . GLU A 1 34 ? -8.080  -10.109 -0.873  1.00 26.42 ? 34  GLU I CG  1 
ATOM   128 C CD  . GLU A 1 34 ? -7.862  -11.069 0.264   1.00 29.37 ? 34  GLU I CD  1 
ATOM   129 O OE1 . GLU A 1 34 ? -8.666  -11.257 1.170   1.00 31.64 ? 34  GLU I OE1 1 
ATOM   130 O OE2 . GLU A 1 34 ? -6.768  -11.683 0.207   1.00 27.80 ? 34  GLU I OE2 1 
ATOM   131 N N   . ALA A 1 35 ? -6.344  -5.990  -1.001  1.00 14.83 ? 35  ALA I N   1 
ATOM   132 C CA  . ALA A 1 35 ? -5.780  -4.753  -0.455  1.00 15.06 ? 35  ALA I CA  1 
ATOM   133 C C   . ALA A 1 35 ? -6.176  -3.471  -1.167  1.00 15.32 ? 35  ALA I C   1 
ATOM   134 O O   . ALA A 1 35 ? -6.391  -2.448  -0.493  1.00 14.08 ? 35  ALA I O   1 
ATOM   135 C CB  . ALA A 1 35 ? -4.273  -4.912  -0.320  1.00 15.31 ? 35  ALA I CB  1 
ATOM   136 N N   . LYS A 1 36 ? -6.293  -3.485  -2.475  1.00 17.27 ? 36  LYS I N   1 
ATOM   137 C CA  . LYS A 1 36 ? -6.702  -2.348  -3.306  1.00 21.30 ? 36  LYS I CA  1 
ATOM   138 C C   . LYS A 1 36 ? -8.096  -1.864  -2.860  1.00 22.84 ? 36  LYS I C   1 
ATOM   139 O O   . LYS A 1 36 ? -8.385  -0.695  -2.580  1.00 24.08 ? 36  LYS I O   1 
ATOM   140 C CB  . LYS A 1 36 ? -6.891  -2.742  -4.770  1.00 24.87 ? 36  LYS I CB  1 
ATOM   141 C CG  . LYS A 1 36 ? -5.778  -2.444  -5.758  1.00 28.26 ? 36  LYS I CG  1 
ATOM   142 C CD  . LYS A 1 36 ? -6.114  -3.017  -7.136  1.00 30.78 ? 36  LYS I CD  1 
ATOM   143 C CE  . LYS A 1 36 ? -4.980  -2.804  -8.118  1.00 35.81 ? 36  LYS I CE  1 
ATOM   144 N NZ  . LYS A 1 36 ? -4.672  -4.026  -8.901  1.00 35.81 ? 36  LYS I NZ  1 
ATOM   145 N N   . LYS A 1 37 ? -8.978  -2.842  -2.862  1.00 22.87 ? 37  LYS I N   1 
ATOM   146 C CA  . LYS A 1 37 ? -10.382 -2.763  -2.493  1.00 22.10 ? 37  LYS I CA  1 
ATOM   147 C C   . LYS A 1 37 ? -10.625 -2.101  -1.149  1.00 21.22 ? 37  LYS I C   1 
ATOM   148 O O   . LYS A 1 37 ? -11.598 -1.337  -1.023  1.00 23.27 ? 37  LYS I O   1 
ATOM   149 C CB  . LYS A 1 37 ? -10.960 -4.181  -2.436  1.00 27.93 ? 37  LYS I CB  1 
ATOM   150 C CG  . LYS A 1 37 ? -12.479 -4.212  -2.319  1.00 32.57 ? 37  LYS I CG  1 
ATOM   151 C CD  . LYS A 1 37 ? -13.010 -5.520  -2.890  1.00 40.46 ? 37  LYS I CD  1 
ATOM   152 C CE  . LYS A 1 37 ? -13.212 -5.436  -4.392  1.00 44.72 ? 37  LYS I CE  1 
ATOM   153 N NZ  . LYS A 1 37 ? -11.911 -5.690  -5.077  1.00 49.32 ? 37  LYS I NZ  1 
ATOM   154 N N   . VAL A 1 38 ? -9.780  -2.385  -0.177  1.00 19.75 ? 38  VAL I N   1 
ATOM   155 C CA  . VAL A 1 38 ? -9.891  -1.840  1.178   1.00 15.32 ? 38  VAL I CA  1 
ATOM   156 C C   . VAL A 1 38 ? -9.388  -0.401  1.185   1.00 15.61 ? 38  VAL I C   1 
ATOM   157 O O   . VAL A 1 38 ? -10.108 0.502   1.639   1.00 15.26 ? 38  VAL I O   1 
ATOM   158 C CB  . VAL A 1 38 ? -9.217  -2.730  2.234   1.00 14.16 ? 38  VAL I CB  1 
ATOM   159 C CG1 . VAL A 1 38 ? -8.981  -1.982  3.541   1.00 14.89 ? 38  VAL I CG1 1 
ATOM   160 C CG2 . VAL A 1 38 ? -9.994  -4.003  2.498   1.00 12.55 ? 38  VAL I CG2 1 
ATOM   161 N N   . ILE A 1 39 ? -8.186  -0.225  0.673   1.00 16.80 ? 39  ILE I N   1 
ATOM   162 C CA  . ILE A 1 39 ? -7.578  1.105   0.598   1.00 15.41 ? 39  ILE I CA  1 
ATOM   163 C C   . ILE A 1 39 ? -8.494  2.082   -0.130  1.00 16.48 ? 39  ILE I C   1 
ATOM   164 O O   . ILE A 1 39 ? -8.652  3.216   0.362   1.00 18.13 ? 39  ILE I O   1 
ATOM   165 C CB  . ILE A 1 39 ? -6.142  1.106   -0.008  1.00 16.94 ? 39  ILE I CB  1 
ATOM   166 C CG1 . ILE A 1 39 ? -5.170  0.362   0.949   1.00 21.24 ? 39  ILE I CG1 1 
ATOM   167 C CG2 . ILE A 1 39 ? -5.620  2.552   -0.273  1.00 16.53 ? 39  ILE I CG2 1 
ATOM   168 C CD1 . ILE A 1 39 ? -3.890  -0.190  0.259   1.00 23.27 ? 39  ILE I CD1 1 
ATOM   169 N N   . LEU A 1 40 ? -9.038  1.675   -1.258  1.00 16.17 ? 40  LEU I N   1 
ATOM   170 C CA  . LEU A 1 40 ? -9.882  2.585   -2.054  1.00 18.63 ? 40  LEU I CA  1 
ATOM   171 C C   . LEU A 1 40 ? -11.158 2.963   -1.306  1.00 21.07 ? 40  LEU I C   1 
ATOM   172 O O   . LEU A 1 40 ? -11.738 4.035   -1.533  1.00 20.70 ? 40  LEU I O   1 
ATOM   173 C CB  . LEU A 1 40 ? -10.092 2.002   -3.448  1.00 18.61 ? 40  LEU I CB  1 
ATOM   174 C CG  . LEU A 1 40 ? -9.030  2.266   -4.494  1.00 17.07 ? 40  LEU I CG  1 
ATOM   175 C CD1 . LEU A 1 40 ? -9.452  1.638   -5.823  1.00 23.85 ? 40  LEU I CD1 1 
ATOM   176 C CD2 . LEU A 1 40 ? -8.814  3.767   -4.660  1.00 19.94 ? 40  LEU I CD2 1 
ATOM   177 N N   . GLN A 1 41 ? -11.569 2.056   -0.448  1.00 23.16 ? 41  GLN I N   1 
ATOM   178 C CA  . GLN A 1 41 ? -12.746 2.218   0.417   1.00 25.25 ? 41  GLN I CA  1 
ATOM   179 C C   . GLN A 1 41 ? -12.460 3.385   1.362   1.00 24.46 ? 41  GLN I C   1 
ATOM   180 O O   . GLN A 1 41 ? -13.250 4.330   1.436   1.00 26.23 ? 41  GLN I O   1 
ATOM   181 C CB  . GLN A 1 41 ? -13.041 0.934   1.180   1.00 32.52 ? 41  GLN I CB  1 
ATOM   182 C CG  . GLN A 1 41 ? -14.452 0.755   1.680   1.00 42.96 ? 41  GLN I CG  1 
ATOM   183 C CD  . GLN A 1 41 ? -15.100 -0.565  1.338   1.00 46.29 ? 41  GLN I CD  1 
ATOM   184 O OE1 . GLN A 1 41 ? -14.867 -1.178  0.295   1.00 49.82 ? 41  GLN I OE1 1 
ATOM   185 N NE2 . GLN A 1 41 ? -15.971 -1.001  2.254   1.00 48.08 ? 41  GLN I NE2 1 
ATOM   186 N N   . ASP A 1 42 ? -11.319 3.329   2.013   1.00 23.73 ? 42  ASP I N   1 
ATOM   187 C CA  . ASP A 1 42 ? -10.842 4.290   2.995   1.00 22.62 ? 42  ASP I CA  1 
ATOM   188 C C   . ASP A 1 42 ? -10.198 5.565   2.437   1.00 21.24 ? 42  ASP I C   1 
ATOM   189 O O   . ASP A 1 42 ? -10.085 6.547   3.190   1.00 20.70 ? 42  ASP I O   1 
ATOM   190 C CB  . ASP A 1 42 ? -9.788  3.674   3.928   1.00 21.43 ? 42  ASP I CB  1 
ATOM   191 C CG  . ASP A 1 42 ? -10.199 2.478   4.739   1.00 24.49 ? 42  ASP I CG  1 
ATOM   192 O OD1 . ASP A 1 42 ? -11.369 2.090   4.838   1.00 30.00 ? 42  ASP I OD1 1 
ATOM   193 O OD2 . ASP A 1 42 ? -9.265  1.888   5.320   1.00 23.55 ? 42  ASP I OD2 1 
ATOM   194 N N   . LYS A 1 43 ? -9.675  5.458   1.242   1.00 20.73 ? 43  LYS I N   1 
ATOM   195 C CA  . LYS A 1 43 ? -8.967  6.578   0.588   1.00 18.42 ? 43  LYS I CA  1 
ATOM   196 C C   . LYS A 1 43 ? -9.265  6.537   -0.910  1.00 18.96 ? 43  LYS I C   1 
ATOM   197 O O   . LYS A 1 43 ? -8.452  6.066   -1.720  1.00 19.44 ? 43  LYS I O   1 
ATOM   198 C CB  . LYS A 1 43 ? -7.491  6.498   0.909   1.00 15.53 ? 43  LYS I CB  1 
ATOM   199 C CG  . LYS A 1 43 ? -6.571  7.505   0.256   1.00 16.07 ? 43  LYS I CG  1 
ATOM   200 C CD  . LYS A 1 43 ? -5.122  7.330   0.672   1.00 13.64 ? 43  LYS I CD  1 
ATOM   201 C CE  . LYS A 1 43 ? -4.262  8.490   0.211   1.00 14.15 ? 43  LYS I CE  1 
ATOM   202 N NZ  . LYS A 1 43 ? -4.402  9.649   1.126   1.00 10.85 ? 43  LYS I NZ  1 
ATOM   203 N N   . PRO A 1 44 ? -10.460 7.009   -1.255  1.00 16.81 ? 44  PRO I N   1 
ATOM   204 C CA  . PRO A 1 44 ? -10.949 7.039   -2.629  1.00 17.34 ? 44  PRO I CA  1 
ATOM   205 C C   . PRO A 1 44 ? -10.044 7.681   -3.661  1.00 12.69 ? 44  PRO I C   1 
ATOM   206 O O   . PRO A 1 44 ? -10.190 7.338   -4.848  1.00 18.82 ? 44  PRO I O   1 
ATOM   207 C CB  . PRO A 1 44 ? -12.294 7.772   -2.531  1.00 19.36 ? 44  PRO I CB  1 
ATOM   208 C CG  . PRO A 1 44 ? -12.746 7.553   -1.107  1.00 17.24 ? 44  PRO I CG  1 
ATOM   209 C CD  . PRO A 1 44 ? -11.461 7.549   -0.305  1.00 18.51 ? 44  PRO I CD  1 
ATOM   210 N N   . GLU A 1 45 ? -9.165  8.559   -3.274  1.00 13.52 ? 45  GLU I N   1 
ATOM   211 C CA  . GLU A 1 45 ? -8.226  9.265   -4.158  1.00 14.95 ? 45  GLU I CA  1 
ATOM   212 C C   . GLU A 1 45 ? -6.829  8.642   -4.231  1.00 17.15 ? 45  GLU I C   1 
ATOM   213 O O   . GLU A 1 45 ? -5.922  9.200   -4.886  1.00 16.32 ? 45  GLU I O   1 
ATOM   214 C CB  . GLU A 1 45 ? -7.974  10.700  -3.668  1.00 9.98  ? 45  GLU I CB  1 
ATOM   215 C CG  . GLU A 1 45 ? -7.023  10.912  -2.501  1.00 10.75 ? 45  GLU I CG  1 
ATOM   216 C CD  . GLU A 1 45 ? -7.472  10.594  -1.112  1.00 8.14  ? 45  GLU I CD  1 
ATOM   217 O OE1 . GLU A 1 45 ? -6.854  10.919  -0.116  1.00 10.38 ? 45  GLU I OE1 1 
ATOM   218 O OE2 . GLU A 1 45 ? -8.525  9.949   -1.023  1.00 7.28  ? 45  GLU I OE2 1 
ATOM   219 N N   . ALA A 1 46 ? -6.636  7.538   -3.516  1.00 16.99 ? 46  ALA I N   1 
ATOM   220 C CA  . ALA A 1 46 ? -5.340  6.859   -3.478  1.00 16.57 ? 46  ALA I CA  1 
ATOM   221 C C   . ALA A 1 46 ? -4.906  6.412   -4.883  1.00 16.97 ? 46  ALA I C   1 
ATOM   222 O O   . ALA A 1 46 ? -5.684  5.956   -5.748  1.00 14.42 ? 46  ALA I O   1 
ATOM   223 C CB  . ALA A 1 46 ? -5.370  5.703   -2.493  1.00 18.81 ? 46  ALA I CB  1 
ATOM   224 N N   . GLN A 1 47 ? -3.608  6.622   -5.069  1.00 15.12 ? 47  GLN I N   1 
ATOM   225 C CA  . GLN A 1 47 ? -2.858  6.186   -6.259  1.00 15.59 ? 47  GLN I CA  1 
ATOM   226 C C   . GLN A 1 47 ? -2.016  5.001   -5.746  1.00 14.48 ? 47  GLN I C   1 
ATOM   227 O O   . GLN A 1 47 ? -1.087  5.208   -4.962  1.00 15.43 ? 47  GLN I O   1 
ATOM   228 C CB  . GLN A 1 47 ? -2.036  7.270   -6.929  1.00 14.57 ? 47  GLN I CB  1 
ATOM   229 C CG  . GLN A 1 47 ? -2.883  8.345   -7.602  1.00 20.31 ? 47  GLN I CG  1 
ATOM   230 C CD  . GLN A 1 47 ? -3.791  7.870   -8.709  1.00 20.92 ? 47  GLN I CD  1 
ATOM   231 O OE1 . GLN A 1 47 ? -3.471  7.120   -9.630  1.00 22.99 ? 47  GLN I OE1 1 
ATOM   232 N NE2 . GLN A 1 47 ? -5.043  8.333   -8.680  1.00 26.19 ? 47  GLN I NE2 1 
ATOM   233 N N   . ILE A 1 48 ? -2.450  3.807   -6.110  1.00 16.27 ? 48  ILE I N   1 
ATOM   234 C CA  . ILE A 1 48 ? -1.836  2.552   -5.650  1.00 15.80 ? 48  ILE I CA  1 
ATOM   235 C C   . ILE A 1 48 ? -0.652  2.129   -6.515  1.00 15.66 ? 48  ILE I C   1 
ATOM   236 O O   . ILE A 1 48 ? -0.795  1.947   -7.731  1.00 15.96 ? 48  ILE I O   1 
ATOM   237 C CB  . ILE A 1 48 ? -2.924  1.427   -5.506  1.00 17.30 ? 48  ILE I CB  1 
ATOM   238 C CG1 . ILE A 1 48 ? -4.017  1.913   -4.515  1.00 16.79 ? 48  ILE I CG1 1 
ATOM   239 C CG2 . ILE A 1 48 ? -2.359  0.048   -5.074  1.00 15.04 ? 48  ILE I CG2 1 
ATOM   240 C CD1 . ILE A 1 48 ? -5.254  0.978   -4.450  1.00 21.73 ? 48  ILE I CD1 1 
ATOM   241 N N   . ILE A 1 49 ? 0.477   1.972   -5.843  1.00 14.44 ? 49  ILE I N   1 
ATOM   242 C CA  . ILE A 1 49 ? 1.751   1.548   -6.448  1.00 12.51 ? 49  ILE I CA  1 
ATOM   243 C C   . ILE A 1 49 ? 2.148   0.205   -5.827  1.00 10.43 ? 49  ILE I C   1 
ATOM   244 O O   . ILE A 1 49 ? 2.098   0.052   -4.599  1.00 12.52 ? 49  ILE I O   1 
ATOM   245 C CB  . ILE A 1 49 ? 2.844   2.651   -6.234  1.00 13.39 ? 49  ILE I CB  1 
ATOM   246 C CG1 . ILE A 1 49 ? 2.427   3.984   -6.907  1.00 15.31 ? 49  ILE I CG1 1 
ATOM   247 C CG2 . ILE A 1 49 ? 4.263   2.218   -6.676  1.00 8.33  ? 49  ILE I CG2 1 
ATOM   248 C CD1 . ILE A 1 49 ? 2.011   3.907   -8.394  1.00 12.08 ? 49  ILE I CD1 1 
ATOM   249 N N   . VAL A 1 50 ? 2.503   -0.740  -6.667  1.00 9.95  ? 50  VAL I N   1 
ATOM   250 C CA  . VAL A 1 50 ? 2.865   -2.104  -6.280  1.00 9.48  ? 50  VAL I CA  1 
ATOM   251 C C   . VAL A 1 50 ? 4.347   -2.372  -6.551  1.00 11.08 ? 50  VAL I C   1 
ATOM   252 O O   . VAL A 1 50 ? 4.692   -2.455  -7.740  1.00 11.22 ? 50  VAL I O   1 
ATOM   253 C CB  . VAL A 1 50 ? 1.984   -3.088  -7.088  1.00 11.04 ? 50  VAL I CB  1 
ATOM   254 C CG1 . VAL A 1 50 ? 2.367   -4.548  -6.859  1.00 12.78 ? 50  VAL I CG1 1 
ATOM   255 C CG2 . VAL A 1 50 ? 0.500   -2.877  -6.856  1.00 13.08 ? 50  VAL I CG2 1 
ATOM   256 N N   . LEU A 1 51 ? 5.136   -2.524  -5.505  1.00 10.84 ? 51  LEU I N   1 
ATOM   257 C CA  . LEU A 1 51 ? 6.563   -2.818  -5.642  1.00 7.63  ? 51  LEU I CA  1 
ATOM   258 C C   . LEU A 1 51 ? 6.963   -4.068  -4.844  1.00 8.35  ? 51  LEU I C   1 
ATOM   259 O O   . LEU A 1 51 ? 6.363   -4.380  -3.811  1.00 7.78  ? 51  LEU I O   1 
ATOM   260 C CB  . LEU A 1 51 ? 7.314   -1.579  -5.170  1.00 6.43  ? 51  LEU I CB  1 
ATOM   261 C CG  . LEU A 1 51 ? 7.003   -0.214  -5.730  1.00 12.23 ? 51  LEU I CG  1 
ATOM   262 C CD1 . LEU A 1 51 ? 7.656   0.864   -4.855  1.00 11.51 ? 51  LEU I CD1 1 
ATOM   263 C CD2 . LEU A 1 51 ? 7.544   -0.110  -7.155  1.00 10.52 ? 51  LEU I CD2 1 
ATOM   264 N N   . PRO A 1 52 ? 8.004   -4.730  -5.321  1.00 8.91  ? 52  PRO I N   1 
ATOM   265 C CA  . PRO A 1 52 ? 8.584   -5.892  -4.638  1.00 8.08  ? 52  PRO I CA  1 
ATOM   266 C C   . PRO A 1 52 ? 9.262   -5.435  -3.351  1.00 11.02 ? 52  PRO I C   1 
ATOM   267 O O   . PRO A 1 52 ? 9.846   -4.333  -3.339  1.00 11.03 ? 52  PRO I O   1 
ATOM   268 C CB  . PRO A 1 52 ? 9.645   -6.407  -5.620  1.00 8.44  ? 52  PRO I CB  1 
ATOM   269 C CG  . PRO A 1 52 ? 9.408   -5.706  -6.913  1.00 8.74  ? 52  PRO I CG  1 
ATOM   270 C CD  . PRO A 1 52 ? 8.753   -4.380  -6.548  1.00 8.21  ? 52  PRO I CD  1 
ATOM   271 N N   . VAL A 1 53 ? 9.232   -6.255  -2.304  1.00 13.73 ? 53  VAL I N   1 
ATOM   272 C CA  . VAL A 1 53 ? 9.905   -5.920  -1.027  1.00 13.43 ? 53  VAL I CA  1 
ATOM   273 C C   . VAL A 1 53 ? 11.407  -5.772  -1.328  1.00 13.53 ? 53  VAL I C   1 
ATOM   274 O O   . VAL A 1 53 ? 11.927  -6.594  -2.099  1.00 12.58 ? 53  VAL I O   1 
ATOM   275 C CB  . VAL A 1 53 ? 9.747   -7.024  0.041   1.00 14.76 ? 53  VAL I CB  1 
ATOM   276 C CG1 . VAL A 1 53 ? 10.649  -6.815  1.251   1.00 12.98 ? 53  VAL I CG1 1 
ATOM   277 C CG2 . VAL A 1 53 ? 8.312   -7.275  0.467   1.00 17.50 ? 53  VAL I CG2 1 
ATOM   278 N N   . GLY A 1 54 ? 12.041  -4.816  -0.690  1.00 14.73 ? 54  GLY I N   1 
ATOM   279 C CA  . GLY A 1 54 ? 13.467  -4.562  -0.864  1.00 17.16 ? 54  GLY I CA  1 
ATOM   280 C C   . GLY A 1 54 ? 13.772  -3.463  -1.874  1.00 19.26 ? 54  GLY I C   1 
ATOM   281 O O   . GLY A 1 54 ? 14.965  -3.193  -2.106  1.00 21.70 ? 54  GLY I O   1 
ATOM   282 N N   . THR A 1 55 ? 12.753  -2.851  -2.446  1.00 19.90 ? 55  THR I N   1 
ATOM   283 C CA  . THR A 1 55 ? 12.890  -1.760  -3.420  1.00 19.01 ? 55  THR I CA  1 
ATOM   284 C C   . THR A 1 55 ? 13.163  -0.420  -2.731  1.00 20.10 ? 55  THR I C   1 
ATOM   285 O O   . THR A 1 55 ? 12.498  0.023   -1.782  1.00 20.03 ? 55  THR I O   1 
ATOM   286 C CB  . THR A 1 55 ? 11.662  -1.676  -4.414  1.00 13.94 ? 55  THR I CB  1 
ATOM   287 O OG1 . THR A 1 55 ? 11.526  -3.016  -4.980  1.00 14.28 ? 55  THR I OG1 1 
ATOM   288 C CG2 . THR A 1 55 ? 11.720  -0.651  -5.549  1.00 11.44 ? 55  THR I CG2 1 
ATOM   289 N N   . ILE A 1 56 ? 14.188  0.243   -3.233  1.00 21.85 ? 56  ILE I N   1 
ATOM   290 C CA  . ILE A 1 56 ? 14.626  1.561   -2.761  1.00 26.80 ? 56  ILE I CA  1 
ATOM   291 C C   . ILE A 1 56 ? 13.883  2.628   -3.561  1.00 27.03 ? 56  ILE I C   1 
ATOM   292 O O   . ILE A 1 56 ? 14.066  2.701   -4.787  1.00 26.20 ? 56  ILE I O   1 
ATOM   293 C CB  . ILE A 1 56 ? 16.186  1.681   -2.890  1.00 34.95 ? 56  ILE I CB  1 
ATOM   294 C CG1 . ILE A 1 56 ? 16.860  0.499   -2.141  1.00 37.26 ? 56  ILE I CG1 1 
ATOM   295 C CG2 . ILE A 1 56 ? 16.712  3.064   -2.408  1.00 38.25 ? 56  ILE I CG2 1 
ATOM   296 C CD1 . ILE A 1 56 ? 18.093  0.871   -1.268  1.00 35.14 ? 56  ILE I CD1 1 
ATOM   297 N N   . VAL A 1 57 ? 13.089  3.419   -2.868  1.00 28.91 ? 57  VAL I N   1 
ATOM   298 C CA  . VAL A 1 57 ? 12.290  4.469   -3.529  1.00 31.56 ? 57  VAL I CA  1 
ATOM   299 C C   . VAL A 1 57 ? 12.906  5.849   -3.339  1.00 35.26 ? 57  VAL I C   1 
ATOM   300 O O   . VAL A 1 57 ? 13.804  6.043   -2.492  1.00 35.25 ? 57  VAL I O   1 
ATOM   301 C CB  . VAL A 1 57 ? 10.825  4.327   -3.068  1.00 30.70 ? 57  VAL I CB  1 
ATOM   302 C CG1 . VAL A 1 57 ? 10.156  3.064   -3.610  1.00 31.82 ? 57  VAL I CG1 1 
ATOM   303 C CG2 . VAL A 1 57 ? 10.685  4.382   -1.558  1.00 25.22 ? 57  VAL I CG2 1 
ATOM   304 N N   . THR A 1 58 ? 12.410  6.792   -4.128  1.00 38.04 ? 58  THR I N   1 
ATOM   305 C CA  . THR A 1 58 ? 12.853  8.201   -4.073  1.00 41.77 ? 58  THR I CA  1 
ATOM   306 C C   . THR A 1 58 ? 12.213  8.883   -2.859  1.00 42.78 ? 58  THR I C   1 
ATOM   307 O O   . THR A 1 58 ? 10.992  8.748   -2.642  1.00 44.39 ? 58  THR I O   1 
ATOM   308 C CB  . THR A 1 58 ? 12.526  8.976   -5.407  1.00 43.20 ? 58  THR I CB  1 
ATOM   309 O OG1 . THR A 1 58 ? 12.449  7.978   -6.479  1.00 47.09 ? 58  THR I OG1 1 
ATOM   310 C CG2 . THR A 1 58 ? 13.514  10.096  -5.745  1.00 45.92 ? 58  THR I CG2 1 
ATOM   311 N N   . MET A 1 59 ? 13.013  9.623   -2.118  1.00 42.43 ? 59  MET I N   1 
ATOM   312 C CA  . MET A 1 59 ? 12.580  10.289  -0.883  1.00 42.89 ? 59  MET I CA  1 
ATOM   313 C C   . MET A 1 59 ? 11.508  11.345  -1.001  1.00 41.48 ? 59  MET I C   1 
ATOM   314 O O   . MET A 1 59 ? 11.365  12.196  -0.095  1.00 43.82 ? 59  MET I O   1 
ATOM   315 C CB  . MET A 1 59 ? 13.813  10.684  -0.095  1.00 48.81 ? 59  MET I CB  1 
ATOM   316 C CG  . MET A 1 59 ? 13.904  12.091  0.414   1.00 50.54 ? 59  MET I CG  1 
ATOM   317 S SD  . MET A 1 59 ? 15.618  12.324  1.039   1.00 51.98 ? 59  MET I SD  1 
ATOM   318 C CE  . MET A 1 59 ? 16.271  13.368  -0.286  1.00 52.05 ? 59  MET I CE  1 
ATOM   319 N N   . GLU A 1 60 ? 10.656  11.272  -1.996  1.00 41.22 ? 60  GLU I N   1 
ATOM   320 C CA  . GLU A 1 60 ? 9.547   12.207  -2.223  1.00 39.34 ? 60  GLU I CA  1 
ATOM   321 C C   . GLU A 1 60 ? 8.241   11.789  -1.557  1.00 38.65 ? 60  GLU I C   1 
ATOM   322 O O   . GLU A 1 60 ? 7.741   10.676  -1.820  1.00 40.31 ? 60  GLU I O   1 
ATOM   323 C CB  . GLU A 1 60 ? 9.269   12.309  -3.730  1.00 41.16 ? 60  GLU I CB  1 
ATOM   324 C CG  . GLU A 1 60 ? 8.794   11.071  -4.490  1.00 34.03 ? 60  GLU I CG  1 
ATOM   325 C CD  . GLU A 1 60 ? 8.592   11.234  -5.964  1.00 28.96 ? 60  GLU I CD  1 
ATOM   326 O OE1 . GLU A 1 60 ? 9.499   11.348  -6.768  1.00 30.34 ? 60  GLU I OE1 1 
ATOM   327 O OE2 . GLU A 1 60 ? 7.391   11.259  -6.288  1.00 28.34 ? 60  GLU I OE2 1 
ATOM   328 N N   . TYR A 1 61 ? 7.641   12.679  -0.789  1.00 36.27 ? 61  TYR I N   1 
ATOM   329 C CA  . TYR A 1 61 ? 6.388   12.429  -0.074  1.00 33.51 ? 61  TYR I CA  1 
ATOM   330 C C   . TYR A 1 61 ? 5.109   12.837  -0.792  1.00 33.19 ? 61  TYR I C   1 
ATOM   331 O O   . TYR A 1 61 ? 4.883   14.054  -0.940  1.00 37.23 ? 61  TYR I O   1 
ATOM   332 C CB  . TYR A 1 61 ? 6.422   13.173  1.290   1.00 29.28 ? 61  TYR I CB  1 
ATOM   333 C CG  . TYR A 1 61 ? 5.139   12.964  2.066   1.00 28.41 ? 61  TYR I CG  1 
ATOM   334 C CD1 . TYR A 1 61 ? 4.151   13.948  2.140   1.00 31.55 ? 61  TYR I CD1 1 
ATOM   335 C CD2 . TYR A 1 61 ? 4.899   11.752  2.703   1.00 27.17 ? 61  TYR I CD2 1 
ATOM   336 C CE1 . TYR A 1 61 ? 2.969   13.730  2.850   1.00 28.91 ? 61  TYR I CE1 1 
ATOM   337 C CE2 . TYR A 1 61 ? 3.729   11.515  3.414   1.00 26.04 ? 61  TYR I CE2 1 
ATOM   338 C CZ  . TYR A 1 61 ? 2.766   12.510  3.489   1.00 28.55 ? 61  TYR I CZ  1 
ATOM   339 O OH  . TYR A 1 61 ? 1.630   12.242  4.200   1.00 26.67 ? 61  TYR I OH  1 
ATOM   340 N N   . ARG A 1 62 ? 4.239   11.890  -1.111  1.00 29.39 ? 62  ARG I N   1 
ATOM   341 C CA  . ARG A 1 62 ? 2.966   12.173  -1.779  1.00 23.99 ? 62  ARG I CA  1 
ATOM   342 C C   . ARG A 1 62 ? 1.758   11.626  -1.023  1.00 22.75 ? 62  ARG I C   1 
ATOM   343 O O   . ARG A 1 62 ? 1.512   10.417  -0.933  1.00 20.32 ? 62  ARG I O   1 
ATOM   344 C CB  . ARG A 1 62 ? 2.944   11.644  -3.213  1.00 27.80 ? 62  ARG I CB  1 
ATOM   345 C CG  . ARG A 1 62 ? 3.943   12.301  -4.156  1.00 28.78 ? 62  ARG I CG  1 
ATOM   346 C CD  . ARG A 1 62 ? 3.278   13.001  -5.283  1.00 32.63 ? 62  ARG I CD  1 
ATOM   347 N NE  . ARG A 1 62 ? 1.968   12.459  -5.623  1.00 33.31 ? 62  ARG I NE  1 
ATOM   348 C CZ  . ARG A 1 62 ? 1.226   12.933  -6.630  1.00 31.69 ? 62  ARG I CZ  1 
ATOM   349 N NH1 . ARG A 1 62 ? 1.655   13.922  -7.410  1.00 28.13 ? 62  ARG I NH1 1 
ATOM   350 N NH2 . ARG A 1 62 ? 0.017   12.409  -6.846  1.00 31.67 ? 62  ARG I NH2 1 
ATOM   351 N N   . ILE A 1 63 ? 0.954   12.556  -0.565  1.00 17.45 ? 63  ILE I N   1 
ATOM   352 C CA  . ILE A 1 63 ? -0.248  12.336  0.232   1.00 18.72 ? 63  ILE I CA  1 
ATOM   353 C C   . ILE A 1 63 ? -1.292  11.441  -0.396  1.00 18.40 ? 63  ILE I C   1 
ATOM   354 O O   . ILE A 1 63 ? -1.993  10.705  0.354   1.00 23.17 ? 63  ILE I O   1 
ATOM   355 C CB  . ILE A 1 63 ? -0.704  13.769  0.720   1.00 22.99 ? 63  ILE I CB  1 
ATOM   356 C CG1 . ILE A 1 63 ? -1.494  13.715  2.051   1.00 26.52 ? 63  ILE I CG1 1 
ATOM   357 C CG2 . ILE A 1 63 ? -1.440  14.593  -0.365  1.00 19.42 ? 63  ILE I CG2 1 
ATOM   358 C CD1 . ILE A 1 63 ? -2.392  14.966  2.322   1.00 24.70 ? 63  ILE I CD1 1 
ATOM   359 N N   . ASP A 1 64 ? -1.408  11.392  -1.712  1.00 14.60 ? 64  ASP I N   1 
ATOM   360 C CA  . ASP A 1 64 ? -2.425  10.589  -2.392  1.00 14.66 ? 64  ASP I CA  1 
ATOM   361 C C   . ASP A 1 64 ? -1.963  9.193   -2.802  1.00 10.73 ? 64  ASP I C   1 
ATOM   362 O O   . ASP A 1 64 ? -2.763  8.473   -3.428  1.00 12.65 ? 64  ASP I O   1 
ATOM   363 C CB  . ASP A 1 64 ? -3.009  11.310  -3.614  1.00 19.91 ? 64  ASP I CB  1 
ATOM   364 C CG  . ASP A 1 64 ? -1.965  11.704  -4.644  1.00 20.76 ? 64  ASP I CG  1 
ATOM   365 O OD1 . ASP A 1 64 ? -0.828  12.070  -4.294  1.00 21.61 ? 64  ASP I OD1 1 
ATOM   366 O OD2 . ASP A 1 64 ? -2.331  11.606  -5.841  1.00 25.03 ? 64  ASP I OD2 1 
ATOM   367 N N   . ARG A 1 65 ? -0.717  8.927   -2.503  1.00 11.64 ? 65  ARG I N   1 
ATOM   368 C CA  . ARG A 1 65 ? -0.074  7.672   -2.901  1.00 12.51 ? 65  ARG I CA  1 
ATOM   369 C C   . ARG A 1 65 ? -0.053  6.599   -1.817  1.00 12.85 ? 65  ARG I C   1 
ATOM   370 O O   . ARG A 1 65 ? 0.261   6.933   -0.669  1.00 12.01 ? 65  ARG I O   1 
ATOM   371 C CB  . ARG A 1 65 ? 1.385   7.984   -3.305  1.00 10.70 ? 65  ARG I CB  1 
ATOM   372 C CG  . ARG A 1 65 ? 2.191   6.752   -3.703  1.00 14.03 ? 65  ARG I CG  1 
ATOM   373 C CD  . ARG A 1 65 ? 3.398   7.068   -4.517  1.00 11.51 ? 65  ARG I CD  1 
ATOM   374 N NE  . ARG A 1 65 ? 4.399   7.789   -3.768  1.00 15.20 ? 65  ARG I NE  1 
ATOM   375 C CZ  . ARG A 1 65 ? 5.310   8.652   -4.205  1.00 15.39 ? 65  ARG I CZ  1 
ATOM   376 N NH1 . ARG A 1 65 ? 5.487   8.944   -5.481  1.00 17.74 ? 65  ARG I NH1 1 
ATOM   377 N NH2 . ARG A 1 65 ? 6.068   9.289   -3.314  1.00 16.07 ? 65  ARG I NH2 1 
ATOM   378 N N   . VAL A 1 66 ? -0.278  5.360   -2.245  1.00 10.71 ? 66  VAL I N   1 
ATOM   379 C CA  . VAL A 1 66 ? -0.188  4.184   -1.386  1.00 13.23 ? 66  VAL I CA  1 
ATOM   380 C C   . VAL A 1 66 ? 0.661   3.096   -2.072  1.00 12.86 ? 66  VAL I C   1 
ATOM   381 O O   . VAL A 1 66 ? 0.182   2.438   -3.011  1.00 16.02 ? 66  VAL I O   1 
ATOM   382 C CB  . VAL A 1 66 ? -1.531  3.578   -0.940  1.00 11.53 ? 66  VAL I CB  1 
ATOM   383 C CG1 . VAL A 1 66 ? -1.320  2.395   0.016   1.00 11.98 ? 66  VAL I CG1 1 
ATOM   384 C CG2 . VAL A 1 66 ? -2.484  4.582   -0.318  1.00 13.94 ? 66  VAL I CG2 1 
ATOM   385 N N   . ARG A 1 67 ? 1.851   2.896   -1.544  1.00 9.65  ? 67  ARG I N   1 
ATOM   386 C CA  . ARG A 1 67 ? 2.748   1.852   -2.065  1.00 10.83 ? 67  ARG I CA  1 
ATOM   387 C C   . ARG A 1 67 ? 2.448   0.523   -1.379  1.00 7.13  ? 67  ARG I C   1 
ATOM   388 O O   . ARG A 1 67 ? 2.455   0.514   -0.136  1.00 9.94  ? 67  ARG I O   1 
ATOM   389 C CB  . ARG A 1 67 ? 4.217   2.212   -1.746  1.00 11.98 ? 67  ARG I CB  1 
ATOM   390 C CG  . ARG A 1 67 ? 4.807   3.323   -2.641  1.00 11.30 ? 67  ARG I CG  1 
ATOM   391 C CD  . ARG A 1 67 ? 6.077   3.756   -2.018  1.00 15.42 ? 67  ARG I CD  1 
ATOM   392 N NE  . ARG A 1 67 ? 6.759   4.874   -2.608  1.00 26.19 ? 67  ARG I NE  1 
ATOM   393 C CZ  . ARG A 1 67 ? 7.299   5.881   -1.915  1.00 23.69 ? 67  ARG I CZ  1 
ATOM   394 N NH1 . ARG A 1 67 ? 7.191   5.955   -0.593  1.00 25.11 ? 67  ARG I NH1 1 
ATOM   395 N NH2 . ARG A 1 67 ? 7.985   6.813   -2.584  1.00 32.20 ? 67  ARG I NH2 1 
ATOM   396 N N   . LEU A 1 68 ? 2.291   -0.529  -2.135  1.00 5.51  ? 68  LEU I N   1 
ATOM   397 C CA  . LEU A 1 68 ? 2.130   -1.891  -1.606  1.00 7.63  ? 68  LEU I CA  1 
ATOM   398 C C   . LEU A 1 68 ? 3.444   -2.646  -1.856  1.00 6.35  ? 68  LEU I C   1 
ATOM   399 O O   . LEU A 1 68 ? 3.861   -2.713  -3.020  1.00 8.97  ? 68  LEU I O   1 
ATOM   400 C CB  . LEU A 1 68 ? 0.940   -2.562  -2.293  1.00 6.88  ? 68  LEU I CB  1 
ATOM   401 C CG  . LEU A 1 68 ? -0.429  -1.919  -2.127  1.00 11.18 ? 68  LEU I CG  1 
ATOM   402 C CD1 . LEU A 1 68 ? -1.524  -2.737  -2.798  1.00 2.78  ? 68  LEU I CD1 1 
ATOM   403 C CD2 . LEU A 1 68 ? -0.643  -1.748  -0.627  1.00 10.53 ? 68  LEU I CD2 1 
ATOM   404 N N   . PHE A 1 69 ? 4.043   -3.156  -0.807  1.00 5.58  ? 69  PHE I N   1 
ATOM   405 C CA  . PHE A 1 69 ? 5.299   -3.937  -0.921  1.00 5.54  ? 69  PHE I CA  1 
ATOM   406 C C   . PHE A 1 69 ? 4.896   -5.411  -0.856  1.00 6.41  ? 69  PHE I C   1 
ATOM   407 O O   . PHE A 1 69 ? 4.374   -5.911  0.152   1.00 7.94  ? 69  PHE I O   1 
ATOM   408 C CB  . PHE A 1 69 ? 6.356   -3.480  0.079   1.00 5.59  ? 69  PHE I CB  1 
ATOM   409 C CG  . PHE A 1 69 ? 7.043   -2.193  -0.284  1.00 12.09 ? 69  PHE I CG  1 
ATOM   410 C CD1 . PHE A 1 69 ? 6.547   -0.973  0.181   1.00 13.33 ? 69  PHE I CD1 1 
ATOM   411 C CD2 . PHE A 1 69 ? 8.166   -2.196  -1.121  1.00 10.83 ? 69  PHE I CD2 1 
ATOM   412 C CE1 . PHE A 1 69 ? 7.144   0.224   -0.187  1.00 13.21 ? 69  PHE I CE1 1 
ATOM   413 C CE2 . PHE A 1 69 ? 8.780   -1.006  -1.508  1.00 11.69 ? 69  PHE I CE2 1 
ATOM   414 C CZ  . PHE A 1 69 ? 8.262   0.203   -1.022  1.00 11.95 ? 69  PHE I CZ  1 
ATOM   415 N N   . VAL A 1 70 ? 5.068   -6.075  -1.986  1.00 7.81  ? 70  VAL I N   1 
ATOM   416 C CA  . VAL A 1 70 ? 4.670   -7.456  -2.206  1.00 6.70  ? 70  VAL I CA  1 
ATOM   417 C C   . VAL A 1 70 ? 5.809   -8.475  -2.227  1.00 10.75 ? 70  VAL I C   1 
ATOM   418 O O   . VAL A 1 70 ? 6.983   -8.213  -2.481  1.00 8.45  ? 70  VAL I O   1 
ATOM   419 C CB  . VAL A 1 70 ? 3.706   -7.563  -3.405  1.00 3.28  ? 70  VAL I CB  1 
ATOM   420 C CG1 . VAL A 1 70 ? 2.561   -6.550  -3.310  1.00 4.29  ? 70  VAL I CG1 1 
ATOM   421 C CG2 . VAL A 1 70 ? 4.388   -7.456  -4.759  1.00 3.98  ? 70  VAL I CG2 1 
ATOM   422 N N   . ASP A 1 71 ? 5.392   -9.689  -1.892  1.00 11.12 ? 71  ASP I N   1 
ATOM   423 C CA  . ASP A 1 71 ? 6.195   -10.918 -1.843  1.00 12.63 ? 71  ASP I CA  1 
ATOM   424 C C   . ASP A 1 71 ? 6.057   -11.614 -3.204  1.00 14.44 ? 71  ASP I C   1 
ATOM   425 O O   . ASP A 1 71 ? 5.341   -11.119 -4.095  1.00 17.27 ? 71  ASP I O   1 
ATOM   426 C CB  . ASP A 1 71 ? 5.781   -11.787 -0.648  1.00 7.46  ? 71  ASP I CB  1 
ATOM   427 C CG  . ASP A 1 71 ? 4.547   -12.623 -0.882  1.00 8.37  ? 71  ASP I CG  1 
ATOM   428 O OD1 . ASP A 1 71 ? 3.868   -12.498 -1.916  1.00 12.91 ? 71  ASP I OD1 1 
ATOM   429 O OD2 . ASP A 1 71 ? 4.181   -13.448 -0.013  1.00 9.72  ? 71  ASP I OD2 1 
ATOM   430 N N   . LYS A 1 72 ? 6.735   -12.731 -3.359  1.00 13.75 ? 72  LYS I N   1 
ATOM   431 C CA  . LYS A 1 72 ? 6.779   -13.537 -4.568  1.00 13.74 ? 72  LYS I CA  1 
ATOM   432 C C   . LYS A 1 72 ? 5.410   -13.968 -5.076  1.00 15.88 ? 72  LYS I C   1 
ATOM   433 O O   . LYS A 1 72 ? 5.290   -14.315 -6.269  1.00 16.72 ? 72  LYS I O   1 
ATOM   434 C CB  . LYS A 1 72 ? 7.532   -14.849 -4.316  1.00 13.34 ? 72  LYS I CB  1 
ATOM   435 C CG  . LYS A 1 72 ? 9.002   -14.832 -4.691  1.00 20.82 ? 72  LYS I CG  1 
ATOM   436 C CD  . LYS A 1 72 ? 9.611   -16.227 -4.615  1.00 21.70 ? 72  LYS I CD  1 
ATOM   437 C CE  . LYS A 1 72 ? 9.819   -16.868 -5.969  1.00 21.57 ? 72  LYS I CE  1 
ATOM   438 N NZ  . LYS A 1 72 ? 11.175  -17.484 -6.028  1.00 30.14 ? 72  LYS I NZ  1 
ATOM   439 N N   . LEU A 1 73 ? 4.438   -14.011 -4.187  1.00 16.38 ? 73  LEU I N   1 
ATOM   440 C CA  . LEU A 1 73 ? 3.089   -14.456 -4.577  1.00 18.38 ? 73  LEU I CA  1 
ATOM   441 C C   . LEU A 1 73 ? 2.130   -13.274 -4.686  1.00 19.84 ? 73  LEU I C   1 
ATOM   442 O O   . LEU A 1 73 ? 0.924   -13.504 -4.906  1.00 22.48 ? 73  LEU I O   1 
ATOM   443 C CB  . LEU A 1 73 ? 2.645   -15.561 -3.621  1.00 22.11 ? 73  LEU I CB  1 
ATOM   444 C CG  . LEU A 1 73 ? 3.408   -16.875 -3.636  1.00 22.63 ? 73  LEU I CG  1 
ATOM   445 C CD1 . LEU A 1 73 ? 2.772   -17.865 -2.667  1.00 24.13 ? 73  LEU I CD1 1 
ATOM   446 C CD2 . LEU A 1 73 ? 3.400   -17.433 -5.059  1.00 24.80 ? 73  LEU I CD2 1 
ATOM   447 N N   . ASP A 1 74 ? 2.656   -12.077 -4.538  1.00 19.04 ? 74  ASP I N   1 
ATOM   448 C CA  . ASP A 1 74 ? 1.862   -10.846 -4.618  1.00 20.64 ? 74  ASP I CA  1 
ATOM   449 C C   . ASP A 1 74 ? 0.991   -10.615 -3.379  1.00 17.76 ? 74  ASP I C   1 
ATOM   450 O O   . ASP A 1 74 ? -0.136  -10.127 -3.590  1.00 18.05 ? 74  ASP I O   1 
ATOM   451 C CB  . ASP A 1 74 ? 0.980   -10.823 -5.878  1.00 25.90 ? 74  ASP I CB  1 
ATOM   452 C CG  . ASP A 1 74 ? 1.759   -10.688 -7.172  1.00 29.31 ? 74  ASP I CG  1 
ATOM   453 O OD1 . ASP A 1 74 ? 2.690   -9.868  -7.231  1.00 30.95 ? 74  ASP I OD1 1 
ATOM   454 O OD2 . ASP A 1 74 ? 1.415   -11.427 -8.120  1.00 30.81 ? 74  ASP I OD2 1 
ATOM   455 N N   . ASN A 1 75 ? 1.464   -10.985 -2.212  1.00 14.97 ? 75  ASN I N   1 
ATOM   456 C CA  . ASN A 1 75 ? 0.725   -10.760 -0.955  1.00 13.91 ? 75  ASN I CA  1 
ATOM   457 C C   . ASN A 1 75 ? 1.390   -9.543  -0.308  1.00 12.18 ? 75  ASN I C   1 
ATOM   458 O O   . ASN A 1 75 ? 2.565   -9.334  -0.653  1.00 13.00 ? 75  ASN I O   1 
ATOM   459 C CB  . ASN A 1 75 ? 0.728   -12.001 -0.061  1.00 13.31 ? 75  ASN I CB  1 
ATOM   460 C CG  . ASN A 1 75 ? -0.204  -13.042 -0.650  1.00 15.19 ? 75  ASN I CG  1 
ATOM   461 O OD1 . ASN A 1 75 ? -1.266  -12.675 -1.177  1.00 19.14 ? 75  ASN I OD1 1 
ATOM   462 N ND2 . ASN A 1 75 ? 0.204   -14.298 -0.615  1.00 17.73 ? 75  ASN I ND2 1 
ATOM   463 N N   . ILE A 1 76 ? 0.668   -8.808  0.511   1.00 11.90 ? 76  ILE I N   1 
ATOM   464 C CA  . ILE A 1 76 ? 1.246   -7.620  1.164   1.00 12.65 ? 76  ILE I CA  1 
ATOM   465 C C   . ILE A 1 76 ? 2.203   -8.120  2.252   1.00 11.59 ? 76  ILE I C   1 
ATOM   466 O O   . ILE A 1 76 ? 1.746   -8.815  3.174   1.00 14.18 ? 76  ILE I O   1 
ATOM   467 C CB  . ILE A 1 76 ? 0.197   -6.624  1.754   1.00 9.22  ? 76  ILE I CB  1 
ATOM   468 C CG1 . ILE A 1 76 ? -0.758  -6.011  0.722   1.00 13.74 ? 76  ILE I CG1 1 
ATOM   469 C CG2 . ILE A 1 76 ? 0.889   -5.498  2.582   1.00 6.37  ? 76  ILE I CG2 1 
ATOM   470 C CD1 . ILE A 1 76 ? -0.703  -6.449  -0.751  1.00 13.42 ? 76  ILE I CD1 1 
ATOM   471 N N   . ALA A 1 77 ? 3.450   -7.711  2.135   1.00 9.88  ? 77  ALA I N   1 
ATOM   472 C CA  . ALA A 1 77 ? 4.498   -8.176  3.048   1.00 8.17  ? 77  ALA I CA  1 
ATOM   473 C C   . ALA A 1 77 ? 4.819   -7.231  4.185   1.00 11.23 ? 77  ALA I C   1 
ATOM   474 O O   . ALA A 1 77 ? 5.461   -7.644  5.174   1.00 11.49 ? 77  ALA I O   1 
ATOM   475 C CB  . ALA A 1 77 ? 5.729   -8.482  2.172   1.00 4.65  ? 77  ALA I CB  1 
ATOM   476 N N   . GLU A 1 78 ? 4.453   -5.972  4.044   1.00 9.22  ? 78  GLU I N   1 
ATOM   477 C CA  . GLU A 1 78 ? 4.664   -4.937  5.057   1.00 13.06 ? 78  GLU I CA  1 
ATOM   478 C C   . GLU A 1 78 ? 3.406   -4.078  5.136   1.00 10.24 ? 78  GLU I C   1 
ATOM   479 O O   . GLU A 1 78 ? 2.594   -4.101  4.200   1.00 13.48 ? 78  GLU I O   1 
ATOM   480 C CB  . GLU A 1 78 ? 5.866   -4.048  4.785   1.00 16.66 ? 78  GLU I CB  1 
ATOM   481 C CG  . GLU A 1 78 ? 6.583   -4.153  3.447   1.00 24.46 ? 78  GLU I CG  1 
ATOM   482 C CD  . GLU A 1 78 ? 7.976   -3.597  3.428   1.00 22.99 ? 78  GLU I CD  1 
ATOM   483 O OE1 . GLU A 1 78 ? 8.313   -2.601  4.036   1.00 29.51 ? 78  GLU I OE1 1 
ATOM   484 O OE2 . GLU A 1 78 ? 8.746   -4.260  2.709   1.00 27.97 ? 78  GLU I OE2 1 
ATOM   485 N N   . VAL A 1 79 ? 3.260   -3.361  6.227   1.00 12.11 ? 79  VAL I N   1 
ATOM   486 C CA  . VAL A 1 79 ? 2.098   -2.500  6.467   1.00 11.23 ? 79  VAL I CA  1 
ATOM   487 C C   . VAL A 1 79 ? 2.081   -1.371  5.432   1.00 10.70 ? 79  VAL I C   1 
ATOM   488 O O   . VAL A 1 79 ? 3.040   -0.586  5.423   1.00 12.86 ? 79  VAL I O   1 
ATOM   489 C CB  . VAL A 1 79 ? 2.112   -1.857  7.876   1.00 13.33 ? 79  VAL I CB  1 
ATOM   490 C CG1 . VAL A 1 79 ? 1.021   -0.789  7.977   1.00 10.05 ? 79  VAL I CG1 1 
ATOM   491 C CG2 . VAL A 1 79 ? 2.010   -2.856  9.013   1.00 10.55 ? 79  VAL I CG2 1 
ATOM   492 N N   . PRO A 1 80 ? 1.017   -1.323  4.669   1.00 9.97  ? 80  PRO I N   1 
ATOM   493 C CA  . PRO A 1 80 ? 0.828   -0.258  3.662   1.00 10.84 ? 80  PRO I CA  1 
ATOM   494 C C   . PRO A 1 80 ? 0.675   1.090   4.371   1.00 11.17 ? 80  PRO I C   1 
ATOM   495 O O   . PRO A 1 80 ? 0.031   1.159   5.437   1.00 11.21 ? 80  PRO I O   1 
ATOM   496 C CB  . PRO A 1 80 ? -0.443  -0.687  2.930   1.00 12.38 ? 80  PRO I CB  1 
ATOM   497 C CG  . PRO A 1 80 ? -0.644  -2.151  3.239   1.00 10.40 ? 80  PRO I CG  1 
ATOM   498 C CD  . PRO A 1 80 ? -0.094  -2.291  4.658   1.00 11.53 ? 80  PRO I CD  1 
ATOM   499 N N   . ARG A 1 81 ? 1.241   2.132   3.805   1.00 10.29 ? 81  ARG I N   1 
ATOM   500 C CA  . ARG A 1 81 ? 1.206   3.484   4.366   1.00 13.19 ? 81  ARG I CA  1 
ATOM   501 C C   . ARG A 1 81 ? 1.199   4.544   3.268   1.00 14.50 ? 81  ARG I C   1 
ATOM   502 O O   . ARG A 1 81 ? 1.747   4.291   2.185   1.00 16.59 ? 81  ARG I O   1 
ATOM   503 C CB  . ARG A 1 81 ? 2.421   3.756   5.269   1.00 14.36 ? 81  ARG I CB  1 
ATOM   504 C CG  . ARG A 1 81 ? 2.199   3.457   6.735   1.00 22.23 ? 81  ARG I CG  1 
ATOM   505 C CD  . ARG A 1 81 ? 3.453   3.580   7.533   1.00 33.13 ? 81  ARG I CD  1 
ATOM   506 N NE  . ARG A 1 81 ? 4.346   2.457   7.292   1.00 40.24 ? 81  ARG I NE  1 
ATOM   507 C CZ  . ARG A 1 81 ? 4.503   1.409   8.100   1.00 41.54 ? 81  ARG I CZ  1 
ATOM   508 N NH1 . ARG A 1 81 ? 4.022   1.365   9.337   1.00 40.91 ? 81  ARG I NH1 1 
ATOM   509 N NH2 . ARG A 1 81 ? 5.103   0.328   7.589   1.00 45.11 ? 81  ARG I NH2 1 
ATOM   510 N N   . VAL A 1 82 ? 0.642   5.701   3.594   1.00 14.70 ? 82  VAL I N   1 
ATOM   511 C CA  . VAL A 1 82 ? 0.585   6.836   2.664   1.00 13.66 ? 82  VAL I CA  1 
ATOM   512 C C   . VAL A 1 82 ? 1.969   7.472   2.498   1.00 13.30 ? 82  VAL I C   1 
ATOM   513 O O   . VAL A 1 82 ? 2.731   7.563   3.482   1.00 12.70 ? 82  VAL I O   1 
ATOM   514 C CB  . VAL A 1 82 ? -0.433  7.897   3.143   1.00 14.43 ? 82  VAL I CB  1 
ATOM   515 C CG1 . VAL A 1 82 ? -0.280  9.200   2.350   1.00 17.60 ? 82  VAL I CG1 1 
ATOM   516 C CG2 . VAL A 1 82 ? -1.866  7.406   3.082   1.00 15.45 ? 82  VAL I CG2 1 
ATOM   517 N N   . GLY A 1 83 ? 2.234   7.958   1.290   1.00 12.36 ? 83  GLY I N   1 
ATOM   518 C CA  . GLY A 1 83 ? 3.513   8.651   1.051   1.00 13.03 ? 83  GLY I CA  1 
ATOM   519 C C   . GLY A 1 83 ? 4.105   8.361   -0.317  1.00 11.77 ? 83  GLY I C   1 
ATOM   520 O O   . GLY A 1 83 ? 3.777   7.263   -0.811  1.00 15.36 ? 83  GLY I O   1 
ATOM   521 O OXT . GLY A 1 83 ? 4.861   9.206   -0.808  1.00 16.40 ? 83  GLY I OXT 1 
HETATM 522 O O   . HOH B 2 .  ? 10.611  -3.338  1.250   1.00 24.81 ? 84  HOH I O   1 
HETATM 523 O O   . HOH B 2 .  ? 4.305   15.836  -5.949  0.98 51.62 ? 85  HOH I O   1 
HETATM 524 O O   . HOH B 2 .  ? 16.098  -1.185  -5.425  0.93 22.19 ? 86  HOH I O   1 
HETATM 525 O O   . HOH B 2 .  ? 14.302  14.693  2.059   1.00 37.67 ? 87  HOH I O   1 
HETATM 526 O O   . HOH B 2 .  ? 4.727   -0.174  3.218   0.75 19.24 ? 88  HOH I O   1 
HETATM 527 O O   . HOH B 2 .  ? 3.204   4.970   0.137   1.00 10.51 ? 89  HOH I O   1 
HETATM 528 O O   . HOH B 2 .  ? 2.964   -2.633  1.682   0.69 8.41  ? 90  HOH I O   1 
HETATM 529 O O   . HOH B 2 .  ? -9.957  10.073  1.629   0.88 20.39 ? 91  HOH I O   1 
HETATM 530 O O   . HOH B 2 .  ? -11.067 5.508   6.467   1.00 27.86 ? 92  HOH I O   1 
HETATM 531 O O   . HOH B 2 .  ? 11.343  -9.659  -3.556  0.80 18.92 ? 93  HOH I O   1 
HETATM 532 O O   . HOH B 2 .  ? -14.676 -1.171  7.173   0.48 20.25 ? 94  HOH I O   1 
HETATM 533 O O   . HOH B 2 .  ? 2.566   -15.208 0.707   1.00 6.91  ? 95  HOH I O   1 
HETATM 534 O O   . HOH B 2 .  ? -4.916  3.752   -7.858  1.00 21.03 ? 96  HOH I O   1 
HETATM 535 O O   . HOH B 2 .  ? -8.056  6.604   -7.029  1.00 16.43 ? 97  HOH I O   1 
HETATM 536 O O   . HOH B 2 .  ? -1.658  -16.973 -1.026  1.00 34.75 ? 98  HOH I O   1 
HETATM 537 O O   . HOH B 2 .  ? -8.950  -4.354  -6.399  1.00 42.27 ? 99  HOH I O   1 
HETATM 538 O O   . HOH B 2 .  ? 14.592  4.729   -6.213  1.00 21.71 ? 100 HOH I O   1 
HETATM 539 O O   . HOH B 2 .  ? 10.435  15.390  -3.734  1.00 46.91 ? 101 HOH I O   1 
HETATM 540 O O   . HOH B 2 .  ? 3.700   1.716   2.143   0.79 11.79 ? 102 HOH I O   1 
HETATM 541 O O   . HOH B 2 .  ? -12.128 9.094   11.364  0.33 20.46 ? 103 HOH I O   1 
HETATM 542 O O   . HOH B 2 .  ? -1.536  11.579  -9.804  0.88 25.50 ? 104 HOH I O   1 
HETATM 543 O O   . HOH B 2 .  ? -9.871  -2.177  11.431  0.98 32.03 ? 105 HOH I O   1 
HETATM 544 O O   . HOH B 2 .  ? -11.949 -1.735  11.844  0.74 34.20 ? 106 HOH I O   1 
HETATM 545 O O   . HOH B 2 .  ? 9.088   -9.745  -3.680  0.52 7.98  ? 107 HOH I O   1 
HETATM 546 O O   . HOH B 2 .  ? 5.536   7.734   5.391   1.00 51.13 ? 108 HOH I O   1 
HETATM 547 O O   . HOH B 2 .  ? 12.867  -5.738  -7.904  1.00 65.35 ? 109 HOH I O   1 
HETATM 548 O O   . HOH B 2 .  ? -3.045  14.903  -9.730  1.00 32.12 ? 110 HOH I O   1 
HETATM 549 O O   . HOH B 2 .  ? -10.381 1.088   9.715   1.00 37.99 ? 111 HOH I O   1 
HETATM 550 O O   . HOH B 2 .  ? -2.996  11.687  -8.119  0.79 32.01 ? 112 HOH I O   1 
HETATM 551 O O   . HOH B 2 .  ? -7.172  10.731  -11.420 0.59 21.14 ? 113 HOH I O   1 
HETATM 552 O O   . HOH B 2 .  ? -14.796 2.219   4.838   0.64 48.88 ? 114 HOH I O   1 
HETATM 553 O O   . HOH B 2 .  ? 1.081   -17.962 0.708   0.55 21.45 ? 115 HOH I O   1 
HETATM 554 O O   . HOH B 2 .  ? -20.093 -1.098  3.844   1.00 52.61 ? 116 HOH I O   1 
HETATM 555 O O   . HOH B 2 .  ? -12.112 7.733   -11.820 0.75 34.24 ? 117 HOH I O   1 
HETATM 556 O O   . HOH B 2 .  ? -7.458  1.202   -11.347 0.64 34.89 ? 118 HOH I O   1 
HETATM 557 O O   . HOH B 2 .  ? -11.611 -12.308 4.648   0.73 48.31 ? 119 HOH I O   1 
HETATM 558 O O   . HOH B 2 .  ? -13.395 -0.763  -3.412  1.00 32.02 ? 120 HOH I O   1 
HETATM 559 O O   . HOH B 2 .  ? -16.313 1.465   -8.400  0.86 34.70 ? 121 HOH I O   1 
HETATM 560 O O   . HOH B 2 .  ? 14.505  -5.538  -4.817  0.96 39.54 ? 122 HOH I O   1 
HETATM 561 O O   . HOH B 2 .  ? 9.601   -5.754  4.830   1.00 35.45 ? 123 HOH I O   1 
HETATM 562 O O   . HOH B 2 .  ? 13.446  13.410  -3.546  0.93 46.62 ? 124 HOH I O   1 
HETATM 563 O O   . HOH B 2 .  ? 12.906  -3.785  -10.033 1.00 39.72 ? 125 HOH I O   1 
HETATM 564 O O   . HOH B 2 .  ? -2.331  3.645   -9.590  0.73 26.09 ? 126 HOH I O   1 
HETATM 565 O O   . HOH B 2 .  ? 12.305  -13.907 -10.994 1.00 41.70 ? 127 HOH I O   1 
HETATM 566 O O   . HOH B 2 .  ? -8.262  9.004   -8.481  0.52 9.70  ? 128 HOH I O   1 
HETATM 567 O O   . HOH B 2 .  ? 12.518  -18.324 -8.901  0.73 60.68 ? 129 HOH I O   1 
HETATM 568 O O   . HOH B 2 .  ? -7.002  8.048   -15.437 1.00 47.98 ? 130 HOH I O   1 
HETATM 569 O O   . HOH B 2 .  ? -14.317 -5.608  1.887   0.83 46.85 ? 131 HOH I O   1 
HETATM 570 O O   . HOH B 2 .  ? 8.478   -19.393 -9.844  0.83 35.53 ? 132 HOH I O   1 
HETATM 571 O O   . HOH B 2 .  ? 3.055   -13.658 -8.970  1.00 50.61 ? 133 HOH I O   1 
HETATM 572 O O   . HOH B 2 .  ? -13.845 9.326   -13.219 0.83 44.94 ? 134 HOH I O   1 
HETATM 573 O O   . HOH B 2 .  ? -5.427  8.670   3.740   0.70 19.43 ? 135 HOH I O   1 
HETATM 574 O O   . HOH B 2 .  ? -4.929  6.984   12.279  0.40 18.69 ? 136 HOH I O   1 
HETATM 575 O O   . HOH B 2 .  ? -8.039  5.092   17.580  0.60 23.87 ? 137 HOH I O   1 
HETATM 576 O O   . HOH B 2 .  ? 2.011   7.491   12.120  1.00 43.13 ? 138 HOH I O   1 
HETATM 577 O O   . HOH B 2 .  ? -15.193 5.411   0.558   0.64 33.68 ? 139 HOH I O   1 
HETATM 578 O O   . HOH B 2 .  ? -12.971 -10.866 6.328   0.78 44.05 ? 140 HOH I O   1 
HETATM 579 O O   . HOH B 2 .  ? -13.564 -9.458  4.003   1.00 50.49 ? 141 HOH I O   1 
HETATM 580 O O   . HOH B 2 .  ? -6.161  -6.530  -8.690  1.00 47.01 ? 142 HOH I O   1 
HETATM 581 O O   . HOH B 2 .  ? -3.830  -3.706  -11.754 0.95 39.33 ? 143 HOH I O   1 
HETATM 582 O O   . HOH B 2 .  ? -9.326  16.847  8.803   1.00 32.94 ? 144 HOH I O   1 
HETATM 583 O O   . HOH B 2 .  ? 8.459   -16.914 -12.615 0.45 29.34 ? 145 HOH I O   1 
HETATM 584 O O   . HOH B 2 .  ? -12.736 -13.861 8.665   0.73 42.83 ? 146 HOH I O   1 
HETATM 585 O O   . HOH B 2 .  ? -7.448  -12.403 -4.243  0.74 27.23 ? 147 HOH I O   1 
# 
